data_7OPB
#
_entry.id   7OPB
#
_cell.length_a   132.182
_cell.length_b   132.182
_cell.length_c   58.877
_cell.angle_alpha   90
_cell.angle_beta   90
_cell.angle_gamma   120
#
_symmetry.space_group_name_H-M   'P 32'
#
loop_
_entity.id
_entity.type
_entity.pdbx_description
1 polymer 'Interleukin-7 receptor subunit alpha'
2 polymer 'IL7R binder'
3 non-polymer 'TRIETHYLENE GLYCOL'
4 non-polymer 1,2-ETHANEDIOL
5 non-polymer DI(HYDROXYETHYL)ETHER
6 water water
#
loop_
_entity_poly.entity_id
_entity_poly.type
_entity_poly.pdbx_seq_one_letter_code
_entity_poly.pdbx_strand_id
1 'polypeptide(L)'
;DDYSFSCYSQLEVNGSQHSLTCAFEDPDVNITNLEFEICGALVEVKCLNFRKLQEIYFIETKKFLLIGKSNICVKVGEKS
LTCKKIDLTTIVKPEAPFDLSVVYREGANDFVVTFNTSHLQKKYVKVLMHDVAYRQEKDENKWTHVNLSSTKLTLLQRKL
QPAAMYEIKVRSIPDHYFKGFWSEWSPSYYFRTPEI
;
A,B,C
2 'polypeptide(L)' SVIEKLRKLEKQARKQGDEVLVMLARMVLEYLEKGWVSEEDADESADRIEEVLKK D,E,F
#
loop_
_chem_comp.id
_chem_comp.type
_chem_comp.name
_chem_comp.formula
EDO non-polymer 1,2-ETHANEDIOL 'C2 H6 O2'
PEG non-polymer DI(HYDROXYETHYL)ETHER 'C4 H10 O3'
PGE non-polymer 'TRIETHYLENE GLYCOL' 'C6 H14 O4'
#
# COMPACT_ATOMS: atom_id res chain seq x y z
N ASP A 1 -6.44 11.00 -38.24
CA ASP A 1 -5.40 10.48 -37.34
C ASP A 1 -5.16 8.99 -37.56
N ASP A 2 -3.95 8.64 -38.01
CA ASP A 2 -3.55 7.25 -38.24
C ASP A 2 -3.54 6.41 -36.97
N TYR A 3 -3.38 7.03 -35.80
CA TYR A 3 -3.35 6.31 -34.53
C TYR A 3 -4.55 6.63 -33.63
N SER A 4 -5.70 6.84 -34.26
CA SER A 4 -6.97 7.17 -33.64
C SER A 4 -7.44 6.05 -32.70
N PHE A 5 -7.74 6.39 -31.44
CA PHE A 5 -8.20 5.40 -30.47
C PHE A 5 -9.40 5.92 -29.63
N SER A 6 -10.05 4.99 -28.89
CA SER A 6 -11.13 5.30 -27.93
C SER A 6 -10.95 4.45 -26.65
N CYS A 7 -11.52 4.91 -25.55
CA CYS A 7 -11.35 4.23 -24.25
C CYS A 7 -12.65 4.15 -23.48
N TYR A 8 -12.72 3.22 -22.54
CA TYR A 8 -13.79 3.17 -21.58
C TYR A 8 -13.20 2.85 -20.21
N SER A 9 -13.76 3.48 -19.19
CA SER A 9 -13.36 3.23 -17.82
C SER A 9 -14.45 2.40 -17.13
N GLN A 10 -14.07 1.68 -16.10
CA GLN A 10 -15.01 0.92 -15.29
C GLN A 10 -14.61 1.26 -13.86
N LEU A 11 -15.48 1.99 -13.15
CA LEU A 11 -15.17 2.43 -11.80
C LEU A 11 -15.65 1.45 -10.76
N GLU A 12 -14.75 1.11 -9.81
CA GLU A 12 -14.94 0.15 -8.74
C GLU A 12 -15.33 -1.20 -9.34
N VAL A 13 -14.62 -1.62 -10.37
CA VAL A 13 -14.91 -2.87 -11.06
C VAL A 13 -14.42 -4.09 -10.25
N ASN A 14 -13.34 -3.91 -9.47
CA ASN A 14 -12.74 -4.98 -8.64
C ASN A 14 -12.51 -4.41 -7.24
N GLY A 15 -13.54 -4.42 -6.40
CA GLY A 15 -13.47 -3.74 -5.10
C GLY A 15 -13.39 -2.23 -5.33
N SER A 16 -12.37 -1.58 -4.76
CA SER A 16 -12.13 -0.15 -4.99
C SER A 16 -11.24 0.12 -6.24
N GLN A 17 -10.76 -0.94 -6.93
CA GLN A 17 -9.94 -0.76 -8.11
C GLN A 17 -10.81 -0.44 -9.32
N HIS A 18 -10.35 0.51 -10.15
CA HIS A 18 -10.97 0.95 -11.39
C HIS A 18 -10.19 0.32 -12.57
N SER A 19 -10.75 0.37 -13.77
CA SER A 19 -10.08 -0.12 -14.96
C SER A 19 -10.19 0.85 -16.12
N LEU A 20 -9.24 0.79 -17.05
CA LEU A 20 -9.23 1.64 -18.22
C LEU A 20 -8.83 0.76 -19.41
N THR A 21 -9.68 0.72 -20.46
CA THR A 21 -9.46 -0.10 -21.64
C THR A 21 -9.43 0.76 -22.89
N CYS A 22 -8.34 0.73 -23.64
CA CYS A 22 -8.20 1.52 -24.87
C CYS A 22 -8.01 0.61 -26.08
N ALA A 23 -8.46 1.06 -27.24
CA ALA A 23 -8.30 0.30 -28.49
C ALA A 23 -8.30 1.23 -29.69
N PHE A 24 -7.59 0.85 -30.76
CA PHE A 24 -7.60 1.67 -31.98
C PHE A 24 -8.97 1.57 -32.64
N GLU A 25 -9.51 2.70 -33.12
CA GLU A 25 -10.80 2.72 -33.82
C GLU A 25 -10.76 1.91 -35.12
N ASP A 26 -9.58 1.77 -35.73
CA ASP A 26 -9.39 0.92 -36.89
C ASP A 26 -8.87 -0.42 -36.33
N PRO A 27 -9.59 -1.57 -36.46
CA PRO A 27 -9.11 -2.81 -35.86
C PRO A 27 -7.90 -3.44 -36.56
N ASP A 28 -7.60 -3.00 -37.78
CA ASP A 28 -6.50 -3.61 -38.56
C ASP A 28 -5.17 -2.93 -38.24
N VAL A 29 -5.17 -1.93 -37.36
CA VAL A 29 -3.92 -1.24 -36.94
C VAL A 29 -2.94 -2.27 -36.35
N ASN A 30 -1.73 -2.33 -36.90
CA ASN A 30 -0.67 -3.23 -36.36
C ASN A 30 -0.14 -2.62 -35.06
N ILE A 31 -0.29 -3.34 -33.94
CA ILE A 31 0.11 -2.78 -32.62
C ILE A 31 1.46 -3.32 -32.16
N THR A 32 2.23 -3.96 -33.05
CA THR A 32 3.53 -4.58 -32.68
C THR A 32 4.44 -3.59 -31.94
N ASN A 33 4.64 -2.39 -32.50
CA ASN A 33 5.55 -1.40 -31.88
C ASN A 33 4.84 -0.37 -30.98
N LEU A 34 3.51 -0.49 -30.81
CA LEU A 34 2.74 0.51 -30.10
C LEU A 34 2.47 0.20 -28.63
N GLU A 35 2.76 1.17 -27.75
CA GLU A 35 2.48 1.07 -26.31
C GLU A 35 1.58 2.22 -25.86
N PHE A 36 0.82 2.05 -24.77
CA PHE A 36 -0.05 3.12 -24.29
C PHE A 36 0.38 3.62 -22.92
N GLU A 37 0.21 4.91 -22.66
CA GLU A 37 0.58 5.51 -21.39
C GLU A 37 -0.48 6.55 -20.95
N ILE A 38 -0.78 6.63 -19.64
CA ILE A 38 -1.70 7.64 -19.12
C ILE A 38 -0.97 8.55 -18.14
N CYS A 39 -1.06 9.88 -18.30
CA CYS A 39 -0.42 10.82 -17.38
C CYS A 39 -1.44 11.86 -16.94
N GLY A 40 -1.38 12.28 -15.68
CA GLY A 40 -2.29 13.31 -15.18
C GLY A 40 -3.57 12.76 -14.59
N ALA A 41 -4.15 13.49 -13.59
CA ALA A 41 -5.35 13.12 -12.82
C ALA A 41 -5.22 11.74 -12.16
N LEU A 42 -3.99 11.42 -11.74
CA LEU A 42 -3.61 10.20 -11.03
C LEU A 42 -3.28 10.60 -9.58
N VAL A 43 -3.45 9.65 -8.64
CA VAL A 43 -3.28 9.96 -7.22
C VAL A 43 -1.84 10.25 -6.77
N GLU A 44 -0.91 9.26 -6.78
CA GLU A 44 0.45 9.50 -6.27
C GLU A 44 1.50 9.60 -7.37
N VAL A 45 1.28 8.93 -8.50
CA VAL A 45 2.22 8.88 -9.60
C VAL A 45 1.84 9.83 -10.73
N LYS A 46 2.85 10.24 -11.52
CA LYS A 46 2.65 11.14 -12.65
C LYS A 46 2.12 10.39 -13.86
N CYS A 47 2.73 9.23 -14.18
CA CYS A 47 2.36 8.42 -15.33
C CYS A 47 2.15 6.94 -14.97
N LEU A 48 1.38 6.22 -15.80
CA LEU A 48 1.13 4.79 -15.64
C LEU A 48 1.16 4.13 -17.04
N ASN A 49 1.74 2.93 -17.13
CA ASN A 49 1.82 2.21 -18.39
C ASN A 49 0.68 1.20 -18.53
N PHE A 50 0.12 1.09 -19.74
CA PHE A 50 -0.92 0.10 -20.02
C PHE A 50 -0.28 -1.25 -20.35
N ARG A 51 -1.02 -2.35 -20.09
CA ARG A 51 -0.61 -3.70 -20.46
C ARG A 51 -1.26 -4.02 -21.81
N LYS A 52 -0.47 -4.49 -22.78
CA LYS A 52 -1.00 -4.83 -24.11
C LYS A 52 -1.57 -6.26 -24.09
N LEU A 53 -2.89 -6.41 -24.30
CA LEU A 53 -3.56 -7.72 -24.23
C LEU A 53 -4.19 -8.18 -25.54
N GLN A 54 -3.35 -8.59 -26.50
CA GLN A 54 -3.72 -9.12 -27.82
C GLN A 54 -4.27 -8.04 -28.79
N GLU A 55 -5.40 -7.41 -28.48
CA GLU A 55 -5.98 -6.39 -29.36
C GLU A 55 -6.36 -5.12 -28.60
N ILE A 56 -6.43 -5.18 -27.26
CA ILE A 56 -6.77 -4.02 -26.44
C ILE A 56 -5.59 -3.65 -25.49
N TYR A 57 -5.67 -2.49 -24.84
CA TYR A 57 -4.69 -2.02 -23.85
C TYR A 57 -5.45 -1.84 -22.54
N PHE A 58 -4.92 -2.36 -21.45
CA PHE A 58 -5.62 -2.37 -20.18
C PHE A 58 -4.79 -1.96 -18.96
N ILE A 59 -5.40 -1.20 -18.03
CA ILE A 59 -4.83 -0.87 -16.71
C ILE A 59 -5.91 -1.08 -15.66
N GLU A 60 -5.58 -1.77 -14.58
CA GLU A 60 -6.49 -1.93 -13.45
C GLU A 60 -5.76 -1.31 -12.26
N THR A 61 -6.30 -0.21 -11.71
CA THR A 61 -5.65 0.50 -10.61
C THR A 61 -6.63 1.30 -9.77
N LYS A 62 -6.20 1.62 -8.53
CA LYS A 62 -6.96 2.49 -7.63
C LYS A 62 -6.51 3.97 -7.77
N LYS A 63 -5.38 4.23 -8.46
CA LYS A 63 -4.75 5.54 -8.56
C LYS A 63 -5.40 6.45 -9.61
N PHE A 64 -6.74 6.55 -9.64
CA PHE A 64 -7.41 7.51 -10.51
C PHE A 64 -8.01 8.56 -9.55
N LEU A 65 -7.67 9.83 -9.74
CA LEU A 65 -8.17 10.92 -8.91
C LEU A 65 -9.69 11.13 -9.15
N LEU A 66 -10.16 10.88 -10.41
CA LEU A 66 -11.54 11.00 -10.86
C LEU A 66 -12.05 12.46 -10.92
N ILE A 67 -11.11 13.42 -10.96
CA ILE A 67 -11.37 14.84 -11.14
C ILE A 67 -10.27 15.34 -12.05
N GLY A 68 -10.64 15.99 -13.13
CA GLY A 68 -9.66 16.51 -14.07
C GLY A 68 -9.35 15.56 -15.21
N LYS A 69 -8.77 16.07 -16.28
CA LYS A 69 -8.43 15.28 -17.45
C LYS A 69 -7.07 14.62 -17.38
N SER A 70 -6.98 13.45 -17.99
CA SER A 70 -5.78 12.64 -18.11
C SER A 70 -5.34 12.67 -19.57
N ASN A 71 -4.05 12.52 -19.83
CA ASN A 71 -3.51 12.50 -21.20
C ASN A 71 -3.17 11.04 -21.51
N ILE A 72 -3.83 10.45 -22.51
CA ILE A 72 -3.54 9.09 -22.93
C ILE A 72 -2.76 9.18 -24.23
N CYS A 73 -1.54 8.64 -24.23
CA CYS A 73 -0.67 8.72 -25.40
C CYS A 73 -0.25 7.38 -25.94
N VAL A 74 -0.16 7.31 -27.28
CA VAL A 74 0.30 6.14 -28.01
C VAL A 74 1.79 6.40 -28.24
N LYS A 75 2.66 5.47 -27.86
CA LYS A 75 4.10 5.65 -28.02
C LYS A 75 4.82 4.53 -28.79
N VAL A 76 5.95 4.90 -29.43
CA VAL A 76 6.86 3.98 -30.07
C VAL A 76 8.15 4.19 -29.31
N GLY A 77 8.35 3.41 -28.26
CA GLY A 77 9.49 3.58 -27.38
C GLY A 77 9.24 4.80 -26.51
N GLU A 78 9.99 5.87 -26.77
CA GLU A 78 9.82 7.13 -26.03
C GLU A 78 9.11 8.22 -26.85
N LYS A 79 9.02 8.06 -28.18
CA LYS A 79 8.35 9.00 -29.07
C LYS A 79 6.82 8.88 -28.93
N SER A 80 6.12 10.01 -28.77
CA SER A 80 4.66 10.02 -28.67
C SER A 80 4.11 10.21 -30.08
N LEU A 81 3.18 9.35 -30.51
CA LEU A 81 2.58 9.45 -31.84
C LEU A 81 1.34 10.33 -31.82
N THR A 82 0.47 10.12 -30.83
CA THR A 82 -0.76 10.88 -30.66
C THR A 82 -1.17 10.89 -29.18
N CYS A 83 -1.75 12.00 -28.74
CA CYS A 83 -2.22 12.15 -27.37
C CYS A 83 -3.65 12.63 -27.35
N LYS A 84 -4.39 12.28 -26.29
CA LYS A 84 -5.78 12.68 -26.16
C LYS A 84 -6.08 13.01 -24.71
N LYS A 85 -6.71 14.16 -24.46
CA LYS A 85 -7.10 14.54 -23.11
C LYS A 85 -8.48 13.97 -22.86
N ILE A 86 -8.58 13.06 -21.87
CA ILE A 86 -9.84 12.39 -21.55
C ILE A 86 -10.16 12.53 -20.08
N ASP A 87 -11.43 12.84 -19.76
CA ASP A 87 -11.90 12.85 -18.38
C ASP A 87 -12.45 11.42 -18.15
N LEU A 88 -11.84 10.65 -17.23
CA LEU A 88 -12.24 9.25 -16.96
C LEU A 88 -13.67 9.09 -16.43
N THR A 89 -14.28 10.16 -15.90
CA THR A 89 -15.67 10.12 -15.40
C THR A 89 -16.72 10.35 -16.52
N THR A 90 -16.28 10.63 -17.76
CA THR A 90 -17.17 10.83 -18.90
C THR A 90 -17.11 9.67 -19.91
N ILE A 91 -16.30 8.61 -19.65
CA ILE A 91 -16.15 7.45 -20.53
C ILE A 91 -16.48 6.14 -19.81
N VAL A 92 -17.31 6.19 -18.76
CA VAL A 92 -17.66 5.04 -17.96
C VAL A 92 -18.57 4.04 -18.69
N LYS A 93 -18.18 2.75 -18.66
CA LYS A 93 -19.01 1.70 -19.22
C LYS A 93 -19.48 0.87 -18.02
N PRO A 94 -20.78 0.89 -17.67
CA PRO A 94 -21.22 0.09 -16.51
C PRO A 94 -21.04 -1.40 -16.75
N GLU A 95 -21.05 -2.18 -15.65
CA GLU A 95 -21.08 -3.61 -15.74
C GLU A 95 -22.51 -3.98 -16.20
N ALA A 96 -22.63 -5.09 -16.93
CA ALA A 96 -23.93 -5.50 -17.43
C ALA A 96 -24.87 -5.91 -16.28
N PRO A 97 -26.19 -5.68 -16.44
CA PRO A 97 -27.14 -6.22 -15.46
C PRO A 97 -27.16 -7.76 -15.57
N PHE A 98 -27.64 -8.41 -14.51
CA PHE A 98 -27.69 -9.88 -14.45
C PHE A 98 -28.96 -10.32 -13.71
N ASP A 99 -29.20 -11.64 -13.60
CA ASP A 99 -30.35 -12.20 -12.92
C ASP A 99 -31.66 -11.69 -13.52
N LEU A 100 -31.70 -11.52 -14.84
CA LEU A 100 -32.95 -11.11 -15.53
C LEU A 100 -34.04 -12.17 -15.30
N SER A 101 -35.24 -11.72 -14.97
CA SER A 101 -36.37 -12.64 -14.71
C SER A 101 -37.68 -12.01 -15.22
N VAL A 102 -38.51 -12.81 -15.86
CA VAL A 102 -39.86 -12.32 -16.28
C VAL A 102 -40.89 -13.26 -15.63
N VAL A 103 -41.94 -12.70 -15.06
CA VAL A 103 -43.04 -13.49 -14.44
C VAL A 103 -44.37 -12.96 -15.00
N TYR A 104 -45.30 -13.85 -15.36
CA TYR A 104 -46.65 -13.39 -15.76
C TYR A 104 -47.62 -13.56 -14.60
N ARG A 105 -48.36 -12.51 -14.28
CA ARG A 105 -49.35 -12.58 -13.20
C ARG A 105 -50.74 -12.57 -13.80
N GLU A 106 -51.53 -13.63 -13.59
CA GLU A 106 -52.89 -13.75 -14.10
C GLU A 106 -53.85 -12.72 -13.50
N GLY A 107 -53.69 -12.42 -12.21
CA GLY A 107 -54.58 -11.49 -11.54
C GLY A 107 -54.48 -10.07 -12.09
N ALA A 108 -53.26 -9.64 -12.38
CA ALA A 108 -53.00 -8.30 -12.88
C ALA A 108 -52.91 -8.22 -14.41
N ASN A 109 -52.82 -9.38 -15.12
CA ASN A 109 -52.66 -9.47 -16.57
C ASN A 109 -51.44 -8.67 -17.01
N ASP A 110 -50.29 -8.95 -16.39
CA ASP A 110 -49.07 -8.20 -16.66
C ASP A 110 -47.83 -9.08 -16.51
N PHE A 111 -46.72 -8.61 -17.05
CA PHE A 111 -45.43 -9.26 -16.97
C PHE A 111 -44.57 -8.40 -16.07
N VAL A 112 -43.93 -9.00 -15.06
CA VAL A 112 -43.06 -8.24 -14.16
C VAL A 112 -41.64 -8.62 -14.53
N VAL A 113 -40.86 -7.66 -15.05
CA VAL A 113 -39.49 -7.89 -15.48
C VAL A 113 -38.58 -7.34 -14.41
N THR A 114 -37.71 -8.17 -13.84
CA THR A 114 -36.79 -7.71 -12.81
C THR A 114 -35.35 -8.11 -13.17
N PHE A 115 -34.38 -7.43 -12.59
CA PHE A 115 -32.96 -7.71 -12.84
C PHE A 115 -32.13 -7.10 -11.74
N ASN A 116 -30.85 -7.45 -11.70
CA ASN A 116 -29.95 -6.88 -10.74
C ASN A 116 -28.75 -6.18 -11.40
N THR A 117 -28.10 -5.28 -10.66
CA THR A 117 -26.91 -4.58 -11.08
C THR A 117 -25.99 -4.42 -9.88
N SER A 118 -24.69 -4.70 -10.06
CA SER A 118 -23.72 -4.52 -8.96
C SER A 118 -23.54 -3.01 -8.64
N HIS A 119 -24.03 -2.10 -9.51
CA HIS A 119 -23.89 -0.66 -9.32
C HIS A 119 -24.66 -0.10 -8.12
N LEU A 120 -25.68 -0.84 -7.65
CA LEU A 120 -26.45 -0.44 -6.46
C LEU A 120 -25.61 -0.47 -5.19
N GLN A 121 -24.51 -1.25 -5.16
CA GLN A 121 -23.62 -1.32 -4.00
C GLN A 121 -22.35 -0.50 -4.14
N LYS A 122 -22.17 0.26 -5.23
CA LYS A 122 -20.97 1.07 -5.45
C LYS A 122 -21.10 2.46 -4.80
N LYS A 123 -20.00 3.21 -4.74
CA LYS A 123 -19.91 4.54 -4.16
C LYS A 123 -20.02 5.61 -5.26
N TYR A 124 -19.39 5.38 -6.43
CA TYR A 124 -19.36 6.37 -7.49
C TYR A 124 -20.49 6.25 -8.53
N VAL A 125 -20.46 5.23 -9.40
CA VAL A 125 -21.41 5.07 -10.48
C VAL A 125 -22.60 4.25 -9.95
N LYS A 126 -23.37 4.87 -9.10
CA LYS A 126 -24.51 4.25 -8.46
C LYS A 126 -25.81 4.45 -9.31
N VAL A 127 -25.90 5.59 -10.03
CA VAL A 127 -27.11 5.95 -10.77
C VAL A 127 -27.02 5.65 -12.25
N LEU A 128 -27.85 4.71 -12.71
CA LEU A 128 -27.88 4.32 -14.10
C LEU A 128 -29.24 4.52 -14.75
N MET A 129 -29.25 4.54 -16.08
CA MET A 129 -30.49 4.44 -16.83
C MET A 129 -30.38 3.04 -17.48
N HIS A 130 -31.44 2.23 -17.37
CA HIS A 130 -31.46 0.92 -17.98
C HIS A 130 -32.23 0.95 -19.26
N ASP A 131 -31.99 -0.02 -20.14
CA ASP A 131 -32.66 -0.16 -21.41
C ASP A 131 -33.09 -1.62 -21.49
N VAL A 132 -34.40 -1.88 -21.39
CA VAL A 132 -34.95 -3.22 -21.51
C VAL A 132 -35.43 -3.35 -22.96
N ALA A 133 -34.87 -4.29 -23.70
CA ALA A 133 -35.24 -4.48 -25.11
C ALA A 133 -35.91 -5.84 -25.25
N TYR A 134 -37.00 -5.90 -26.03
CA TYR A 134 -37.71 -7.15 -26.23
C TYR A 134 -38.20 -7.28 -27.66
N ARG A 135 -38.37 -8.50 -28.13
CA ARG A 135 -38.89 -8.72 -29.47
C ARG A 135 -39.54 -10.07 -29.54
N GLN A 136 -40.41 -10.27 -30.55
CA GLN A 136 -40.95 -11.59 -30.85
C GLN A 136 -39.79 -12.35 -31.50
N GLU A 137 -39.45 -13.55 -30.97
CA GLU A 137 -38.31 -14.37 -31.40
C GLU A 137 -38.14 -14.46 -32.92
N LYS A 138 -39.27 -14.61 -33.62
CA LYS A 138 -39.32 -14.73 -35.08
C LYS A 138 -38.81 -13.51 -35.86
N ASP A 139 -38.78 -12.33 -35.22
CA ASP A 139 -38.40 -11.07 -35.85
C ASP A 139 -36.92 -10.74 -35.80
N GLU A 140 -36.47 -10.01 -36.81
CA GLU A 140 -35.11 -9.47 -36.90
C GLU A 140 -35.24 -7.96 -37.08
N ASN A 141 -34.48 -7.18 -36.28
CA ASN A 141 -34.52 -5.70 -36.34
C ASN A 141 -35.90 -5.13 -35.95
N LYS A 142 -36.57 -5.75 -34.97
CA LYS A 142 -37.88 -5.31 -34.50
C LYS A 142 -37.92 -5.33 -32.97
N TRP A 143 -36.85 -4.81 -32.35
CA TRP A 143 -36.76 -4.71 -30.91
C TRP A 143 -37.54 -3.48 -30.46
N THR A 144 -38.20 -3.59 -29.31
CA THR A 144 -38.86 -2.46 -28.66
C THR A 144 -37.98 -2.17 -27.43
N HIS A 145 -37.59 -0.90 -27.23
CA HIS A 145 -36.73 -0.48 -26.14
C HIS A 145 -37.49 0.36 -25.12
N VAL A 146 -37.31 0.06 -23.82
CA VAL A 146 -37.95 0.80 -22.76
C VAL A 146 -36.87 1.21 -21.75
N ASN A 147 -36.81 2.49 -21.43
CA ASN A 147 -35.87 3.01 -20.43
C ASN A 147 -36.51 3.06 -19.05
N LEU A 148 -35.70 2.81 -18.03
CA LEU A 148 -36.17 2.92 -16.65
C LEU A 148 -34.97 3.19 -15.75
N SER A 149 -35.22 3.78 -14.61
CA SER A 149 -34.20 4.09 -13.61
C SER A 149 -34.16 3.06 -12.45
N SER A 150 -35.20 2.23 -12.31
CA SER A 150 -35.24 1.21 -11.26
C SER A 150 -34.90 -0.19 -11.87
N THR A 151 -35.02 -1.28 -11.11
CA THR A 151 -34.71 -2.61 -11.60
C THR A 151 -35.99 -3.48 -11.79
N LYS A 152 -37.15 -2.83 -11.93
CA LYS A 152 -38.42 -3.48 -12.10
C LYS A 152 -39.22 -2.77 -13.15
N LEU A 153 -39.60 -3.48 -14.19
CA LEU A 153 -40.42 -2.95 -15.27
C LEU A 153 -41.70 -3.79 -15.36
N THR A 154 -42.87 -3.19 -15.49
CA THR A 154 -44.13 -3.92 -15.66
C THR A 154 -44.63 -3.70 -17.11
N LEU A 155 -44.84 -4.78 -17.87
CA LEU A 155 -45.37 -4.76 -19.24
C LEU A 155 -46.79 -5.29 -19.19
N LEU A 156 -47.74 -4.63 -19.81
CA LEU A 156 -49.12 -5.08 -19.83
C LEU A 156 -49.31 -6.18 -20.83
N GLN A 157 -50.13 -7.18 -20.49
CA GLN A 157 -50.39 -8.33 -21.37
C GLN A 157 -50.92 -7.89 -22.74
N ARG A 158 -51.81 -6.89 -22.77
CA ARG A 158 -52.39 -6.39 -24.01
C ARG A 158 -51.42 -5.66 -24.94
N LYS A 159 -50.23 -5.31 -24.44
CA LYS A 159 -49.24 -4.61 -25.28
C LYS A 159 -48.28 -5.57 -26.02
N LEU A 160 -48.44 -6.88 -25.82
CA LEU A 160 -47.62 -7.90 -26.45
C LEU A 160 -48.53 -8.82 -27.26
N GLN A 161 -47.99 -9.48 -28.30
CA GLN A 161 -48.78 -10.44 -29.08
C GLN A 161 -49.15 -11.64 -28.24
N PRO A 162 -50.38 -12.18 -28.39
CA PRO A 162 -50.75 -13.39 -27.63
C PRO A 162 -50.13 -14.67 -28.21
N ALA A 163 -49.98 -15.71 -27.38
CA ALA A 163 -49.44 -17.03 -27.76
C ALA A 163 -48.14 -16.92 -28.57
N ALA A 164 -47.19 -16.10 -28.08
CA ALA A 164 -45.97 -15.85 -28.81
C ALA A 164 -44.72 -15.94 -27.94
N MET A 165 -43.61 -16.35 -28.56
CA MET A 165 -42.30 -16.43 -27.93
C MET A 165 -41.64 -15.09 -27.98
N TYR A 166 -41.18 -14.58 -26.85
CA TYR A 166 -40.48 -13.32 -26.77
C TYR A 166 -39.08 -13.50 -26.21
N GLU A 167 -38.16 -12.64 -26.63
CA GLU A 167 -36.81 -12.59 -26.13
C GLU A 167 -36.66 -11.22 -25.48
N ILE A 168 -36.03 -11.15 -24.31
CA ILE A 168 -35.86 -9.90 -23.60
C ILE A 168 -34.45 -9.84 -23.00
N LYS A 169 -33.84 -8.67 -23.01
CA LYS A 169 -32.50 -8.48 -22.47
C LYS A 169 -32.40 -7.03 -21.92
N VAL A 170 -31.40 -6.75 -21.10
CA VAL A 170 -31.25 -5.42 -20.49
C VAL A 170 -29.79 -4.95 -20.46
N ARG A 171 -29.57 -3.64 -20.61
CA ARG A 171 -28.25 -2.99 -20.55
C ARG A 171 -28.39 -1.68 -19.75
N SER A 172 -27.27 -1.06 -19.35
CA SER A 172 -27.28 0.16 -18.52
C SER A 172 -26.28 1.20 -19.03
N ILE A 173 -26.54 2.45 -18.75
CA ILE A 173 -25.68 3.56 -19.12
C ILE A 173 -25.60 4.49 -17.89
N PRO A 174 -24.44 5.15 -17.60
CA PRO A 174 -24.41 6.07 -16.45
C PRO A 174 -25.33 7.27 -16.71
N ASP A 175 -26.07 7.71 -15.68
CA ASP A 175 -27.04 8.78 -15.86
C ASP A 175 -27.08 9.73 -14.67
N HIS A 176 -25.98 10.41 -14.39
CA HIS A 176 -25.93 11.25 -13.20
C HIS A 176 -24.70 12.19 -13.39
N TYR A 177 -23.77 12.25 -12.42
CA TYR A 177 -22.57 13.04 -12.61
C TYR A 177 -21.71 12.35 -13.71
N PHE A 178 -21.67 11.01 -13.67
CA PHE A 178 -20.90 10.15 -14.56
C PHE A 178 -21.63 9.94 -15.85
N LYS A 179 -20.90 10.03 -16.95
CA LYS A 179 -21.40 9.83 -18.29
C LYS A 179 -20.60 8.70 -18.90
N GLY A 180 -21.08 8.16 -20.02
CA GLY A 180 -20.35 7.13 -20.73
C GLY A 180 -21.12 6.35 -21.76
N PHE A 181 -20.89 5.03 -21.74
CA PHE A 181 -21.40 4.14 -22.75
C PHE A 181 -22.33 3.09 -22.23
N TRP A 182 -23.12 2.49 -23.13
CA TRP A 182 -23.98 1.38 -22.78
C TRP A 182 -23.13 0.18 -22.38
N SER A 183 -23.54 -0.51 -21.33
CA SER A 183 -22.89 -1.72 -20.90
C SER A 183 -23.13 -2.81 -21.96
N GLU A 184 -22.52 -3.98 -21.78
CA GLU A 184 -22.85 -5.15 -22.56
C GLU A 184 -24.30 -5.54 -22.18
N TRP A 185 -24.98 -6.28 -23.07
CA TRP A 185 -26.31 -6.75 -22.78
C TRP A 185 -26.19 -7.86 -21.76
N SER A 186 -27.20 -8.01 -20.93
CA SER A 186 -27.31 -9.15 -20.03
C SER A 186 -27.60 -10.38 -20.94
N PRO A 187 -27.44 -11.63 -20.47
CA PRO A 187 -27.96 -12.77 -21.26
C PRO A 187 -29.49 -12.59 -21.51
N SER A 188 -29.98 -13.13 -22.61
CA SER A 188 -31.39 -13.06 -22.96
C SER A 188 -32.22 -13.99 -22.11
N TYR A 189 -33.47 -13.62 -21.91
CA TYR A 189 -34.46 -14.41 -21.20
C TYR A 189 -35.55 -14.65 -22.25
N TYR A 190 -36.14 -15.85 -22.24
CA TYR A 190 -37.16 -16.19 -23.21
C TYR A 190 -38.41 -16.58 -22.50
N PHE A 191 -39.55 -16.04 -22.95
CA PHE A 191 -40.83 -16.40 -22.36
C PHE A 191 -41.91 -16.51 -23.42
N ARG A 192 -43.04 -17.07 -23.06
CA ARG A 192 -44.17 -17.18 -23.96
C ARG A 192 -45.35 -16.41 -23.34
N THR A 193 -46.01 -15.58 -24.15
CA THR A 193 -47.19 -14.85 -23.66
C THR A 193 -48.39 -15.82 -23.65
N PRO A 194 -49.37 -15.56 -22.76
CA PRO A 194 -50.54 -16.45 -22.71
C PRO A 194 -51.42 -16.36 -23.96
N GLU A 195 -52.18 -17.43 -24.19
CA GLU A 195 -53.05 -17.64 -25.34
C GLU A 195 -54.23 -16.68 -25.48
N ILE A 196 -54.75 -16.15 -24.35
CA ILE A 196 -55.91 -15.23 -24.26
C ILE A 196 -57.17 -15.81 -24.94
N ASP B 1 -12.57 16.42 5.73
CA ASP B 1 -11.69 15.30 6.08
C ASP B 1 -12.45 14.19 6.80
N ASP B 2 -12.81 13.15 6.04
CA ASP B 2 -13.56 12.00 6.53
C ASP B 2 -12.77 11.12 7.52
N TYR B 3 -11.44 11.11 7.39
CA TYR B 3 -10.60 10.31 8.28
C TYR B 3 -10.01 11.17 9.43
N SER B 4 -10.74 12.24 9.80
CA SER B 4 -10.40 13.19 10.84
C SER B 4 -10.27 12.45 12.15
N PHE B 5 -9.28 12.80 12.96
CA PHE B 5 -9.04 12.11 14.22
C PHE B 5 -8.47 13.02 15.30
N SER B 6 -8.57 12.61 16.56
CA SER B 6 -7.98 13.32 17.69
C SER B 6 -7.19 12.35 18.57
N CYS B 7 -6.24 12.87 19.36
CA CYS B 7 -5.40 12.04 20.21
C CYS B 7 -5.20 12.64 21.60
N TYR B 8 -4.82 11.79 22.53
CA TYR B 8 -4.39 12.22 23.84
C TYR B 8 -3.19 11.39 24.25
N SER B 9 -2.25 12.06 24.90
CA SER B 9 -1.08 11.38 25.43
C SER B 9 -1.22 11.24 26.94
N GLN B 10 -0.53 10.27 27.49
CA GLN B 10 -0.50 10.07 28.93
C GLN B 10 0.97 9.88 29.24
N LEU B 11 1.58 10.84 29.96
CA LEU B 11 3.00 10.78 30.24
C LEU B 11 3.29 10.09 31.55
N GLU B 12 4.25 9.16 31.53
CA GLU B 12 4.64 8.31 32.63
C GLU B 12 3.42 7.58 33.21
N VAL B 13 2.59 7.02 32.32
CA VAL B 13 1.38 6.30 32.67
C VAL B 13 1.69 4.90 33.23
N ASN B 14 2.80 4.29 32.78
CA ASN B 14 3.20 2.99 33.27
C ASN B 14 4.67 3.07 33.55
N GLY B 15 5.02 3.49 34.76
CA GLY B 15 6.40 3.74 35.13
C GLY B 15 6.90 4.93 34.33
N SER B 16 8.03 4.80 33.66
CA SER B 16 8.57 5.84 32.80
C SER B 16 7.99 5.79 31.37
N GLN B 17 7.14 4.78 31.04
CA GLN B 17 6.52 4.64 29.73
C GLN B 17 5.31 5.55 29.57
N HIS B 18 5.21 6.17 28.41
CA HIS B 18 4.14 7.07 28.01
C HIS B 18 3.15 6.32 27.09
N SER B 19 1.99 6.90 26.84
CA SER B 19 1.01 6.31 25.93
C SER B 19 0.42 7.35 24.99
N LEU B 20 -0.10 6.90 23.86
CA LEU B 20 -0.73 7.77 22.89
C LEU B 20 -1.96 7.03 22.38
N THR B 21 -3.13 7.65 22.48
CA THR B 21 -4.41 7.07 22.08
C THR B 21 -5.08 7.93 21.04
N CYS B 22 -5.32 7.38 19.84
CA CYS B 22 -5.97 8.11 18.76
C CYS B 22 -7.31 7.48 18.40
N ALA B 23 -8.27 8.28 17.94
CA ALA B 23 -9.56 7.79 17.53
C ALA B 23 -10.18 8.71 16.48
N PHE B 24 -10.95 8.12 15.56
CA PHE B 24 -11.62 8.88 14.51
C PHE B 24 -12.75 9.67 15.12
N GLU B 25 -12.90 10.92 14.68
CA GLU B 25 -13.95 11.79 15.18
C GLU B 25 -15.33 11.28 14.81
N ASP B 26 -15.46 10.64 13.63
CA ASP B 26 -16.73 10.04 13.22
C ASP B 26 -16.70 8.58 13.70
N PRO B 27 -17.62 8.22 14.61
CA PRO B 27 -17.63 6.85 15.13
C PRO B 27 -18.01 5.76 14.11
N ASP B 28 -18.86 6.08 13.11
CA ASP B 28 -19.27 5.10 12.11
C ASP B 28 -18.18 4.72 11.08
N VAL B 29 -17.00 5.36 11.13
CA VAL B 29 -15.89 5.07 10.21
C VAL B 29 -15.50 3.59 10.25
N ASN B 30 -15.53 2.91 9.10
CA ASN B 30 -15.13 1.51 9.03
C ASN B 30 -13.59 1.45 9.04
N ILE B 31 -13.00 0.93 10.12
CA ILE B 31 -11.54 0.90 10.27
C ILE B 31 -10.88 -0.44 9.89
N THR B 32 -11.53 -1.30 9.09
CA THR B 32 -10.94 -2.60 8.72
C THR B 32 -9.56 -2.48 8.07
N ASN B 33 -9.43 -1.61 7.06
CA ASN B 33 -8.15 -1.44 6.37
C ASN B 33 -7.30 -0.25 6.84
N LEU B 34 -7.70 0.40 7.93
CA LEU B 34 -6.99 1.57 8.43
C LEU B 34 -6.00 1.29 9.56
N GLU B 35 -4.76 1.76 9.40
CA GLU B 35 -3.70 1.64 10.41
C GLU B 35 -3.17 3.03 10.79
N PHE B 36 -2.60 3.17 12.00
CA PHE B 36 -2.04 4.46 12.42
C PHE B 36 -0.52 4.37 12.59
N GLU B 37 0.18 5.46 12.27
CA GLU B 37 1.63 5.51 12.42
C GLU B 37 2.09 6.87 12.95
N ILE B 38 3.13 6.90 13.81
CA ILE B 38 3.67 8.15 14.31
C ILE B 38 5.13 8.28 13.89
N CYS B 39 5.51 9.41 13.28
CA CYS B 39 6.90 9.62 12.84
C CYS B 39 7.37 10.99 13.34
N GLY B 40 8.63 11.11 13.73
CA GLY B 40 9.17 12.38 14.21
C GLY B 40 9.01 12.56 15.71
N ALA B 41 9.98 13.29 16.32
CA ALA B 41 10.08 13.58 17.77
C ALA B 41 10.08 12.31 18.62
N LEU B 42 10.70 11.27 18.05
CA LEU B 42 10.78 9.95 18.73
C LEU B 42 12.23 9.68 19.09
N VAL B 43 12.46 8.78 20.05
CA VAL B 43 13.83 8.51 20.54
C VAL B 43 14.49 7.40 19.73
N GLU B 44 15.49 7.75 18.92
CA GLU B 44 16.34 6.83 18.15
C GLU B 44 15.64 6.02 17.08
N VAL B 45 14.34 6.23 16.84
CA VAL B 45 13.61 5.50 15.80
C VAL B 45 12.90 6.60 15.02
N LYS B 46 12.71 6.39 13.72
CA LYS B 46 12.04 7.36 12.88
C LYS B 46 10.54 7.23 12.98
N CYS B 47 10.02 6.01 12.91
CA CYS B 47 8.58 5.77 12.98
C CYS B 47 8.20 4.68 13.98
N LEU B 48 6.93 4.66 14.39
CA LEU B 48 6.37 3.68 15.31
C LEU B 48 4.93 3.36 14.86
N ASN B 49 4.54 2.08 14.92
CA ASN B 49 3.19 1.67 14.55
C ASN B 49 2.24 1.60 15.75
N PHE B 50 0.98 2.01 15.55
CA PHE B 50 -0.03 1.92 16.59
C PHE B 50 -0.67 0.53 16.52
N ARG B 51 -1.14 0.04 17.66
CA ARG B 51 -1.86 -1.22 17.74
C ARG B 51 -3.37 -0.88 17.70
N LYS B 52 -4.14 -1.56 16.84
CA LYS B 52 -5.58 -1.30 16.70
C LYS B 52 -6.35 -2.10 17.75
N LEU B 53 -7.04 -1.40 18.68
CA LEU B 53 -7.78 -2.04 19.77
C LEU B 53 -9.29 -1.80 19.76
N GLN B 54 -9.98 -2.45 18.83
CA GLN B 54 -11.45 -2.43 18.67
C GLN B 54 -12.00 -1.11 18.12
N GLU B 55 -11.86 0.01 18.85
CA GLU B 55 -12.34 1.30 18.37
C GLU B 55 -11.29 2.42 18.49
N ILE B 56 -10.21 2.18 19.23
CA ILE B 56 -9.14 3.15 19.37
C ILE B 56 -7.80 2.59 18.83
N TYR B 57 -6.80 3.45 18.69
CA TYR B 57 -5.45 3.07 18.27
C TYR B 57 -4.53 3.47 19.43
N PHE B 58 -3.66 2.55 19.84
CA PHE B 58 -2.85 2.75 21.01
C PHE B 58 -1.40 2.38 20.84
N ILE B 59 -0.54 3.18 21.44
CA ILE B 59 0.88 2.91 21.51
C ILE B 59 1.36 3.24 22.94
N GLU B 60 2.15 2.34 23.52
CA GLU B 60 2.73 2.54 24.83
C GLU B 60 4.24 2.40 24.65
N THR B 61 5.00 3.48 24.91
CA THR B 61 6.46 3.46 24.72
C THR B 61 7.14 4.56 25.54
N LYS B 62 8.42 4.38 25.83
CA LYS B 62 9.25 5.38 26.49
C LYS B 62 9.99 6.26 25.43
N LYS B 63 9.85 5.96 24.12
CA LYS B 63 10.59 6.58 23.03
C LYS B 63 9.95 7.87 22.50
N PHE B 64 9.36 8.69 23.36
CA PHE B 64 8.88 9.99 22.96
C PHE B 64 9.93 11.00 23.42
N LEU B 65 10.43 11.82 22.51
CA LEU B 65 11.43 12.83 22.84
C LEU B 65 10.83 13.92 23.73
N LEU B 66 9.53 14.24 23.52
CA LEU B 66 8.73 15.24 24.25
C LEU B 66 9.17 16.69 23.95
N ILE B 67 9.86 16.89 22.83
CA ILE B 67 10.26 18.19 22.32
C ILE B 67 10.06 18.10 20.82
N GLY B 68 9.29 19.04 20.27
CA GLY B 68 9.01 19.08 18.84
C GLY B 68 7.76 18.29 18.47
N LYS B 69 7.26 18.52 17.26
CA LYS B 69 6.06 17.89 16.79
C LYS B 69 6.29 16.54 16.12
N SER B 70 5.30 15.67 16.25
CA SER B 70 5.25 14.35 15.64
C SER B 70 4.18 14.36 14.55
N ASN B 71 4.34 13.52 13.52
CA ASN B 71 3.37 13.42 12.44
C ASN B 71 2.60 12.11 12.66
N ILE B 72 1.29 12.20 12.90
CA ILE B 72 0.47 11.02 13.05
C ILE B 72 -0.32 10.83 11.76
N CYS B 73 -0.13 9.70 11.10
CA CYS B 73 -0.79 9.44 9.83
C CYS B 73 -1.68 8.21 9.83
N VAL B 74 -2.80 8.32 9.10
CA VAL B 74 -3.74 7.22 8.89
C VAL B 74 -3.30 6.59 7.58
N LYS B 75 -3.08 5.28 7.55
CA LYS B 75 -2.62 4.61 6.34
C LYS B 75 -3.46 3.41 5.89
N VAL B 76 -3.44 3.16 4.57
CA VAL B 76 -4.05 2.00 3.95
C VAL B 76 -2.86 1.28 3.33
N GLY B 77 -2.22 0.42 4.11
CA GLY B 77 -1.02 -0.26 3.67
C GLY B 77 0.14 0.71 3.75
N GLU B 78 0.62 1.18 2.59
CA GLU B 78 1.72 2.15 2.52
C GLU B 78 1.22 3.58 2.19
N LYS B 79 0.00 3.70 1.61
CA LYS B 79 -0.60 4.98 1.22
C LYS B 79 -1.07 5.75 2.46
N SER B 80 -0.69 7.02 2.59
CA SER B 80 -1.12 7.88 3.69
C SER B 80 -2.41 8.58 3.27
N LEU B 81 -3.46 8.50 4.09
CA LEU B 81 -4.75 9.13 3.78
C LEU B 81 -4.79 10.55 4.31
N THR B 82 -4.37 10.73 5.57
CA THR B 82 -4.34 12.03 6.22
C THR B 82 -3.25 12.05 7.31
N CYS B 83 -2.62 13.20 7.48
CA CYS B 83 -1.56 13.38 8.47
C CYS B 83 -1.83 14.60 9.33
N LYS B 84 -1.31 14.59 10.55
CA LYS B 84 -1.50 15.71 11.45
C LYS B 84 -0.23 15.91 12.27
N LYS B 85 0.27 17.16 12.36
CA LYS B 85 1.44 17.46 13.19
C LYS B 85 0.93 17.79 14.59
N ILE B 86 1.34 16.97 15.57
CA ILE B 86 0.91 17.14 16.94
C ILE B 86 2.09 17.20 17.89
N ASP B 87 2.07 18.12 18.86
CA ASP B 87 3.09 18.18 19.91
C ASP B 87 2.50 17.36 21.06
N LEU B 88 3.12 16.23 21.41
CA LEU B 88 2.62 15.32 22.45
C LEU B 88 2.52 15.93 23.86
N THR B 89 3.24 17.06 24.11
CA THR B 89 3.19 17.77 25.40
C THR B 89 2.01 18.76 25.51
N THR B 90 1.22 18.92 24.42
CA THR B 90 0.06 19.81 24.41
C THR B 90 -1.26 19.03 24.35
N ILE B 91 -1.23 17.68 24.34
CA ILE B 91 -2.43 16.83 24.28
C ILE B 91 -2.54 15.87 25.46
N VAL B 92 -1.90 16.20 26.58
CA VAL B 92 -1.84 15.37 27.77
C VAL B 92 -3.17 15.23 28.50
N LYS B 93 -3.59 13.98 28.77
CA LYS B 93 -4.77 13.74 29.56
C LYS B 93 -4.27 13.13 30.88
N PRO B 94 -4.39 13.84 32.01
CA PRO B 94 -3.91 13.26 33.28
C PRO B 94 -4.70 12.02 33.66
N GLU B 95 -4.11 11.21 34.55
CA GLU B 95 -4.82 10.10 35.16
C GLU B 95 -5.81 10.74 36.16
N ALA B 96 -6.94 10.07 36.36
CA ALA B 96 -7.95 10.59 37.26
C ALA B 96 -7.46 10.61 38.72
N PRO B 97 -7.92 11.58 39.54
CA PRO B 97 -7.63 11.50 40.97
C PRO B 97 -8.40 10.33 41.59
N PHE B 98 -7.95 9.87 42.76
CA PHE B 98 -8.54 8.76 43.48
C PHE B 98 -8.52 9.03 45.00
N ASP B 99 -9.08 8.12 45.81
CA ASP B 99 -9.10 8.24 47.28
C ASP B 99 -9.81 9.52 47.72
N LEU B 100 -10.84 9.96 46.98
CA LEU B 100 -11.62 11.13 47.34
C LEU B 100 -12.29 10.89 48.74
N SER B 101 -12.22 11.89 49.62
CA SER B 101 -12.75 11.76 50.97
C SER B 101 -13.32 13.09 51.44
N VAL B 102 -14.43 13.04 52.20
CA VAL B 102 -15.05 14.20 52.81
C VAL B 102 -15.20 13.97 54.31
N VAL B 103 -14.82 14.99 55.06
CA VAL B 103 -14.88 14.93 56.51
C VAL B 103 -15.59 16.23 56.97
N TYR B 104 -16.48 16.14 57.95
CA TYR B 104 -17.13 17.34 58.48
C TYR B 104 -16.51 17.59 59.86
N ARG B 105 -16.02 18.84 60.10
CA ARG B 105 -15.45 19.16 61.41
C ARG B 105 -16.40 20.06 62.14
N GLU B 106 -16.92 19.62 63.31
CA GLU B 106 -17.84 20.41 64.13
C GLU B 106 -17.21 21.69 64.69
N GLY B 107 -15.94 21.61 65.08
CA GLY B 107 -15.27 22.76 65.66
C GLY B 107 -15.12 23.92 64.70
N ALA B 108 -14.79 23.61 63.45
CA ALA B 108 -14.59 24.62 62.44
C ALA B 108 -15.82 24.89 61.56
N ASN B 109 -16.88 24.03 61.65
CA ASN B 109 -18.11 24.13 60.84
C ASN B 109 -17.75 24.14 59.35
N ASP B 110 -16.96 23.16 58.93
CA ASP B 110 -16.50 23.08 57.56
C ASP B 110 -16.35 21.63 57.09
N PHE B 111 -16.23 21.43 55.79
CA PHE B 111 -16.02 20.14 55.16
C PHE B 111 -14.64 20.18 54.60
N VAL B 112 -13.80 19.16 54.88
CA VAL B 112 -12.46 19.11 54.33
C VAL B 112 -12.48 18.01 53.26
N VAL B 113 -12.30 18.39 51.99
CA VAL B 113 -12.33 17.48 50.83
C VAL B 113 -10.90 17.20 50.44
N THR B 114 -10.49 15.93 50.48
CA THR B 114 -9.13 15.56 50.13
C THR B 114 -9.15 14.48 49.05
N PHE B 115 -8.05 14.34 48.32
CA PHE B 115 -7.94 13.32 47.27
C PHE B 115 -6.49 13.09 46.95
N ASN B 116 -6.21 12.06 46.18
CA ASN B 116 -4.87 11.79 45.75
C ASN B 116 -4.73 11.76 44.22
N THR B 117 -3.51 11.95 43.72
CA THR B 117 -3.19 11.89 42.30
C THR B 117 -1.82 11.26 42.17
N SER B 118 -1.67 10.31 41.22
CA SER B 118 -0.38 9.69 40.99
C SER B 118 0.61 10.72 40.36
N HIS B 119 0.12 11.89 39.89
CA HIS B 119 0.95 12.93 39.26
C HIS B 119 1.94 13.57 40.21
N LEU B 120 1.71 13.49 41.54
CA LEU B 120 2.64 14.02 42.54
C LEU B 120 3.97 13.26 42.55
N GLN B 121 4.00 12.00 42.08
CA GLN B 121 5.22 11.20 42.03
C GLN B 121 5.86 11.13 40.63
N LYS B 122 5.31 11.84 39.65
CA LYS B 122 5.83 11.86 38.27
C LYS B 122 6.91 12.95 38.10
N LYS B 123 7.68 12.87 37.03
CA LYS B 123 8.76 13.81 36.74
C LYS B 123 8.29 14.91 35.77
N TYR B 124 7.44 14.56 34.80
CA TYR B 124 6.99 15.50 33.81
C TYR B 124 5.68 16.25 34.19
N VAL B 125 4.52 15.59 34.08
CA VAL B 125 3.24 16.21 34.36
C VAL B 125 2.93 16.17 35.86
N LYS B 126 3.67 16.94 36.61
CA LYS B 126 3.56 16.99 38.05
C LYS B 126 2.52 18.06 38.50
N VAL B 127 2.38 19.16 37.72
CA VAL B 127 1.52 20.30 38.09
C VAL B 127 0.19 20.29 37.38
N LEU B 128 -0.87 20.12 38.14
CA LEU B 128 -2.21 20.08 37.61
C LEU B 128 -3.12 21.16 38.20
N MET B 129 -4.23 21.41 37.53
CA MET B 129 -5.32 22.18 38.10
C MET B 129 -6.43 21.13 38.29
N HIS B 130 -7.02 21.08 39.49
CA HIS B 130 -8.10 20.16 39.77
C HIS B 130 -9.44 20.87 39.68
N ASP B 131 -10.50 20.10 39.47
CA ASP B 131 -11.87 20.60 39.39
C ASP B 131 -12.70 19.72 40.30
N VAL B 132 -13.14 20.25 41.43
CA VAL B 132 -14.00 19.52 42.36
C VAL B 132 -15.42 19.94 42.06
N ALA B 133 -16.29 19.00 41.67
CA ALA B 133 -17.68 19.30 41.32
C ALA B 133 -18.60 18.64 42.35
N TYR B 134 -19.64 19.36 42.80
CA TYR B 134 -20.56 18.81 43.79
C TYR B 134 -21.98 19.24 43.47
N ARG B 135 -22.95 18.45 43.92
CA ARG B 135 -24.35 18.80 43.73
C ARG B 135 -25.19 18.12 44.80
N GLN B 136 -26.39 18.64 45.04
CA GLN B 136 -27.36 17.97 45.87
C GLN B 136 -27.86 16.80 45.03
N GLU B 137 -27.83 15.58 45.59
CA GLU B 137 -28.20 14.30 44.98
C GLU B 137 -29.48 14.38 44.12
N LYS B 138 -30.49 15.10 44.63
CA LYS B 138 -31.79 15.29 43.98
C LYS B 138 -31.76 16.10 42.65
N ASP B 139 -30.69 16.89 42.42
CA ASP B 139 -30.58 17.76 41.26
C ASP B 139 -29.93 17.15 40.04
N GLU B 140 -30.33 17.64 38.87
CA GLU B 140 -29.77 17.27 37.58
C GLU B 140 -29.33 18.57 36.90
N ASN B 141 -28.08 18.61 36.38
CA ASN B 141 -27.51 19.80 35.72
C ASN B 141 -27.38 21.00 36.68
N LYS B 142 -27.02 20.74 37.95
CA LYS B 142 -26.85 21.78 38.94
C LYS B 142 -25.58 21.53 39.75
N TRP B 143 -24.49 21.19 39.03
CA TRP B 143 -23.20 20.98 39.64
C TRP B 143 -22.55 22.34 39.90
N THR B 144 -21.83 22.45 41.01
CA THR B 144 -21.02 23.62 41.34
C THR B 144 -19.57 23.13 41.17
N HIS B 145 -18.75 23.86 40.41
CA HIS B 145 -17.36 23.48 40.16
C HIS B 145 -16.37 24.44 40.86
N VAL B 146 -15.35 23.90 41.49
CA VAL B 146 -14.33 24.66 42.20
C VAL B 146 -12.94 24.20 41.73
N ASN B 147 -12.10 25.14 41.32
CA ASN B 147 -10.73 24.83 40.91
C ASN B 147 -9.76 24.98 42.06
N LEU B 148 -8.73 24.14 42.08
CA LEU B 148 -7.67 24.25 43.07
C LEU B 148 -6.38 23.62 42.51
N SER B 149 -5.25 24.03 43.04
CA SER B 149 -3.92 23.50 42.65
C SER B 149 -3.40 22.44 43.65
N SER B 150 -3.95 22.38 44.84
CA SER B 150 -3.52 21.40 45.86
C SER B 150 -4.52 20.22 45.91
N THR B 151 -4.37 19.29 46.86
CA THR B 151 -5.28 18.14 46.98
C THR B 151 -6.21 18.25 48.20
N LYS B 152 -6.41 19.47 48.69
CA LYS B 152 -7.25 19.75 49.82
C LYS B 152 -8.10 21.02 49.56
N LEU B 153 -9.42 20.88 49.68
CA LEU B 153 -10.39 21.96 49.51
C LEU B 153 -11.23 22.01 50.79
N THR B 154 -11.42 23.20 51.35
CA THR B 154 -12.28 23.39 52.49
C THR B 154 -13.58 24.08 51.99
N LEU B 155 -14.75 23.48 52.24
CA LEU B 155 -16.05 24.04 51.94
C LEU B 155 -16.69 24.44 53.28
N LEU B 156 -17.24 25.63 53.37
CA LEU B 156 -17.89 26.09 54.61
C LEU B 156 -19.28 25.48 54.72
N GLN B 157 -19.66 25.12 55.96
CA GLN B 157 -20.96 24.51 56.23
C GLN B 157 -22.12 25.40 55.72
N ARG B 158 -22.02 26.71 55.93
CA ARG B 158 -23.07 27.64 55.52
C ARG B 158 -23.25 27.79 54.00
N LYS B 159 -22.28 27.31 53.20
CA LYS B 159 -22.39 27.42 51.73
C LYS B 159 -23.12 26.24 51.08
N LEU B 160 -23.52 25.23 51.88
CA LEU B 160 -24.22 24.05 51.40
C LEU B 160 -25.58 23.97 52.08
N GLN B 161 -26.57 23.30 51.47
CA GLN B 161 -27.88 23.14 52.10
C GLN B 161 -27.78 22.25 53.33
N PRO B 162 -28.52 22.58 54.40
CA PRO B 162 -28.48 21.72 55.60
C PRO B 162 -29.29 20.43 55.43
N ALA B 163 -28.95 19.37 56.21
CA ALA B 163 -29.64 18.06 56.20
C ALA B 163 -29.86 17.53 54.78
N ALA B 164 -28.83 17.56 53.96
CA ALA B 164 -28.96 17.16 52.55
C ALA B 164 -27.86 16.20 52.10
N MET B 165 -28.22 15.30 51.18
CA MET B 165 -27.31 14.38 50.52
C MET B 165 -26.62 15.09 49.37
N TYR B 166 -25.29 15.04 49.36
CA TYR B 166 -24.46 15.62 48.32
C TYR B 166 -23.65 14.56 47.63
N GLU B 167 -23.34 14.79 46.38
CA GLU B 167 -22.46 13.95 45.58
C GLU B 167 -21.29 14.84 45.20
N ILE B 168 -20.06 14.34 45.30
CA ILE B 168 -18.89 15.12 44.95
C ILE B 168 -17.90 14.23 44.18
N LYS B 169 -17.21 14.79 43.21
CA LYS B 169 -16.23 14.08 42.39
C LYS B 169 -15.13 15.07 41.95
N VAL B 170 -13.97 14.56 41.50
CA VAL B 170 -12.86 15.43 41.13
C VAL B 170 -12.16 14.95 39.83
N ARG B 171 -11.64 15.90 39.02
CA ARG B 171 -10.89 15.63 37.80
C ARG B 171 -9.71 16.62 37.72
N SER B 172 -8.73 16.37 36.83
CA SER B 172 -7.52 17.20 36.72
C SER B 172 -7.19 17.54 35.27
N ILE B 173 -6.50 18.65 35.06
CA ILE B 173 -6.06 19.09 33.74
C ILE B 173 -4.59 19.57 33.92
N PRO B 174 -3.69 19.36 32.93
CA PRO B 174 -2.30 19.85 33.09
C PRO B 174 -2.29 21.39 33.13
N ASP B 175 -1.48 21.98 34.01
CA ASP B 175 -1.47 23.43 34.19
C ASP B 175 -0.06 24.00 34.42
N HIS B 176 0.84 23.81 33.46
CA HIS B 176 2.23 24.24 33.67
C HIS B 176 2.87 24.29 32.27
N TYR B 177 4.01 23.63 32.04
CA TYR B 177 4.59 23.54 30.71
C TYR B 177 3.63 22.70 29.81
N PHE B 178 3.05 21.65 30.40
CA PHE B 178 2.18 20.69 29.76
C PHE B 178 0.78 21.20 29.68
N LYS B 179 0.15 21.02 28.52
CA LYS B 179 -1.23 21.40 28.31
C LYS B 179 -1.99 20.14 27.89
N GLY B 180 -3.31 20.20 27.90
CA GLY B 180 -4.12 19.08 27.44
C GLY B 180 -5.58 19.11 27.81
N PHE B 181 -6.06 17.94 28.22
CA PHE B 181 -7.47 17.69 28.46
C PHE B 181 -7.77 17.30 29.90
N TRP B 182 -9.04 17.42 30.29
CA TRP B 182 -9.52 16.99 31.59
C TRP B 182 -9.43 15.49 31.68
N SER B 183 -8.99 14.99 32.82
CA SER B 183 -8.92 13.57 33.08
C SER B 183 -10.39 13.04 33.20
N GLU B 184 -10.54 11.73 33.32
CA GLU B 184 -11.79 11.14 33.70
C GLU B 184 -12.11 11.61 35.15
N TRP B 185 -13.40 11.57 35.51
CA TRP B 185 -13.78 11.91 36.87
C TRP B 185 -13.34 10.77 37.77
N SER B 186 -13.03 11.08 39.01
CA SER B 186 -12.79 10.09 40.03
C SER B 186 -14.17 9.43 40.33
N PRO B 187 -14.25 8.27 41.01
CA PRO B 187 -15.56 7.80 41.51
C PRO B 187 -16.19 8.90 42.43
N SER B 188 -17.50 8.94 42.52
CA SER B 188 -18.22 9.90 43.33
C SER B 188 -18.18 9.52 44.81
N TYR B 189 -18.18 10.53 45.66
CA TYR B 189 -18.23 10.36 47.11
C TYR B 189 -19.61 10.97 47.56
N TYR B 190 -20.30 10.32 48.50
CA TYR B 190 -21.60 10.80 48.97
C TYR B 190 -21.52 11.11 50.46
N PHE B 191 -22.09 12.25 50.83
CA PHE B 191 -22.10 12.67 52.22
C PHE B 191 -23.36 13.42 52.51
N ARG B 192 -23.71 13.51 53.80
N ARG B 192 -23.71 13.50 53.80
CA ARG B 192 -24.87 14.23 54.24
CA ARG B 192 -24.88 14.25 54.22
C ARG B 192 -24.42 15.41 55.09
C ARG B 192 -24.42 15.41 55.08
N THR B 193 -24.92 16.61 54.80
CA THR B 193 -24.57 17.78 55.59
C THR B 193 -25.36 17.74 56.93
N PRO B 194 -24.80 18.35 57.99
CA PRO B 194 -25.50 18.34 59.28
C PRO B 194 -26.81 19.13 59.28
N GLU B 195 -27.71 18.74 60.18
CA GLU B 195 -29.00 19.43 60.31
C GLU B 195 -28.73 20.64 61.17
N ILE B 196 -29.22 21.83 60.78
CA ILE B 196 -29.00 23.03 61.59
C ILE B 196 -30.19 23.39 62.48
N ASP C 2 -2.09 -11.69 -19.42
CA ASP C 2 -2.91 -12.55 -18.56
C ASP C 2 -2.24 -13.91 -18.37
N TYR C 3 -1.82 -14.54 -19.47
CA TYR C 3 -1.17 -15.84 -19.40
C TYR C 3 0.37 -15.74 -19.45
N SER C 4 0.91 -14.58 -19.01
CA SER C 4 2.32 -14.26 -18.96
C SER C 4 3.04 -15.25 -18.07
N PHE C 5 4.24 -15.65 -18.47
CA PHE C 5 5.04 -16.57 -17.67
C PHE C 5 6.55 -16.30 -17.82
N SER C 6 7.33 -16.84 -16.90
CA SER C 6 8.79 -16.77 -16.94
C SER C 6 9.37 -18.16 -16.64
N CYS C 7 10.62 -18.39 -17.07
CA CYS C 7 11.28 -19.68 -16.89
C CYS C 7 12.74 -19.53 -16.46
N TYR C 8 13.29 -20.60 -15.88
CA TYR C 8 14.72 -20.71 -15.61
C TYR C 8 15.16 -22.10 -15.94
N SER C 9 16.36 -22.22 -16.51
CA SER C 9 16.95 -23.51 -16.81
C SER C 9 18.06 -23.78 -15.79
N GLN C 10 18.37 -25.05 -15.58
CA GLN C 10 19.47 -25.46 -14.72
C GLN C 10 20.20 -26.50 -15.56
N LEU C 11 21.43 -26.20 -15.98
CA LEU C 11 22.18 -27.11 -16.84
C LEU C 11 23.06 -28.03 -16.03
N GLU C 12 22.96 -29.33 -16.31
CA GLU C 12 23.68 -30.38 -15.62
C GLU C 12 23.32 -30.36 -14.13
N VAL C 13 22.04 -30.26 -13.84
CA VAL C 13 21.57 -30.18 -12.47
C VAL C 13 21.51 -31.57 -11.79
N ASN C 14 21.30 -32.63 -12.58
CA ASN C 14 21.23 -34.01 -12.05
C ASN C 14 22.05 -34.85 -13.02
N GLY C 15 23.35 -35.02 -12.76
CA GLY C 15 24.25 -35.67 -13.69
C GLY C 15 24.35 -34.80 -14.94
N SER C 16 24.18 -35.40 -16.11
CA SER C 16 24.17 -34.67 -17.36
C SER C 16 22.75 -34.14 -17.75
N GLN C 17 21.74 -34.38 -16.92
CA GLN C 17 20.38 -33.92 -17.20
C GLN C 17 20.20 -32.46 -16.81
N HIS C 18 19.51 -31.74 -17.64
CA HIS C 18 19.18 -30.36 -17.43
C HIS C 18 17.72 -30.25 -16.93
N SER C 19 17.32 -29.08 -16.46
CA SER C 19 15.96 -28.86 -16.03
C SER C 19 15.42 -27.52 -16.54
N LEU C 20 14.10 -27.42 -16.67
CA LEU C 20 13.44 -26.21 -17.10
C LEU C 20 12.20 -26.02 -16.21
N THR C 21 12.11 -24.87 -15.54
CA THR C 21 11.02 -24.57 -14.62
C THR C 21 10.28 -23.31 -15.05
N CYS C 22 8.98 -23.43 -15.34
CA CYS C 22 8.16 -22.29 -15.76
C CYS C 22 7.06 -21.99 -14.75
N ALA C 23 6.65 -20.74 -14.65
CA ALA C 23 5.57 -20.34 -13.74
C ALA C 23 4.87 -19.08 -14.22
N PHE C 24 3.57 -18.95 -13.92
CA PHE C 24 2.80 -17.77 -14.30
C PHE C 24 3.15 -16.60 -13.40
N GLU C 25 3.32 -15.42 -13.98
CA GLU C 25 3.65 -14.20 -13.24
C GLU C 25 2.57 -13.82 -12.22
N ASP C 26 1.27 -14.11 -12.51
CA ASP C 26 0.19 -13.86 -11.58
C ASP C 26 -0.06 -15.15 -10.79
N PRO C 27 0.14 -15.12 -9.47
CA PRO C 27 -0.05 -16.33 -8.67
C PRO C 27 -1.49 -16.84 -8.57
N ASP C 28 -2.49 -15.95 -8.61
CA ASP C 28 -3.87 -16.38 -8.49
C ASP C 28 -4.45 -17.07 -9.74
N VAL C 29 -3.68 -17.16 -10.84
CA VAL C 29 -4.13 -17.82 -12.07
C VAL C 29 -4.57 -19.27 -11.81
N ASN C 30 -5.80 -19.62 -12.17
CA ASN C 30 -6.29 -20.99 -11.98
C ASN C 30 -5.68 -21.87 -13.08
N ILE C 31 -4.78 -22.78 -12.70
CA ILE C 31 -4.09 -23.62 -13.68
C ILE C 31 -4.68 -25.03 -13.84
N THR C 32 -5.95 -25.26 -13.48
CA THR C 32 -6.54 -26.60 -13.60
C THR C 32 -6.52 -27.14 -15.03
N ASN C 33 -6.91 -26.32 -16.02
CA ASN C 33 -6.92 -26.77 -17.42
C ASN C 33 -5.68 -26.38 -18.23
N LEU C 34 -4.66 -25.80 -17.58
CA LEU C 34 -3.48 -25.32 -18.29
C LEU C 34 -2.28 -26.28 -18.26
N GLU C 35 -1.72 -26.58 -19.44
CA GLU C 35 -0.54 -27.43 -19.58
C GLU C 35 0.58 -26.67 -20.31
N PHE C 36 1.84 -27.07 -20.11
CA PHE C 36 2.95 -26.42 -20.78
C PHE C 36 3.65 -27.37 -21.75
N GLU C 37 4.13 -26.85 -22.88
CA GLU C 37 4.83 -27.66 -23.87
C GLU C 37 6.04 -26.91 -24.43
N ILE C 38 7.16 -27.62 -24.69
CA ILE C 38 8.33 -26.99 -25.30
C ILE C 38 8.62 -27.66 -26.65
N CYS C 39 8.78 -26.87 -27.72
CA CYS C 39 9.07 -27.42 -29.04
C CYS C 39 10.27 -26.68 -29.64
N GLY C 40 11.14 -27.39 -30.35
CA GLY C 40 12.31 -26.77 -30.95
C GLY C 40 13.53 -26.76 -30.06
N ALA C 41 14.72 -26.82 -30.69
CA ALA C 41 16.04 -26.88 -30.04
C ALA C 41 16.17 -28.06 -29.07
N LEU C 42 15.49 -29.18 -29.39
CA LEU C 42 15.50 -30.42 -28.62
C LEU C 42 16.24 -31.52 -29.40
N VAL C 43 16.81 -32.49 -28.69
CA VAL C 43 17.52 -33.60 -29.31
C VAL C 43 16.58 -34.74 -29.76
N GLU C 44 16.50 -34.97 -31.08
CA GLU C 44 15.74 -36.04 -31.74
C GLU C 44 14.23 -36.07 -31.56
N VAL C 45 13.67 -35.13 -30.80
CA VAL C 45 12.22 -35.08 -30.57
C VAL C 45 11.80 -33.65 -30.98
N LYS C 46 10.58 -33.50 -31.50
CA LYS C 46 10.07 -32.19 -31.90
C LYS C 46 9.53 -31.44 -30.66
N CYS C 47 8.73 -32.11 -29.84
CA CYS C 47 8.12 -31.50 -28.67
C CYS C 47 8.31 -32.32 -27.38
N LEU C 48 8.14 -31.67 -26.22
CA LEU C 48 8.22 -32.29 -24.91
C LEU C 48 7.15 -31.66 -24.01
N ASN C 49 6.48 -32.49 -23.20
CA ASN C 49 5.47 -31.98 -22.27
C ASN C 49 6.04 -31.70 -20.89
N PHE C 50 5.60 -30.61 -20.26
CA PHE C 50 6.02 -30.29 -18.90
C PHE C 50 5.13 -31.04 -17.91
N ARG C 51 5.67 -31.31 -16.73
CA ARG C 51 4.92 -31.96 -15.65
C ARG C 51 4.42 -30.83 -14.74
N LYS C 52 3.11 -30.83 -14.41
CA LYS C 52 2.55 -29.79 -13.54
C LYS C 52 2.77 -30.20 -12.09
N LEU C 53 3.54 -29.42 -11.34
CA LEU C 53 3.87 -29.73 -9.94
C LEU C 53 3.36 -28.69 -8.93
N GLN C 54 2.05 -28.69 -8.69
CA GLN C 54 1.34 -27.84 -7.73
C GLN C 54 1.23 -26.37 -8.15
N GLU C 55 2.36 -25.66 -8.28
CA GLU C 55 2.33 -24.25 -8.69
C GLU C 55 3.31 -23.94 -9.82
N ILE C 56 4.25 -24.84 -10.11
CA ILE C 56 5.22 -24.67 -11.18
C ILE C 56 5.09 -25.77 -12.24
N TYR C 57 5.74 -25.61 -13.40
CA TYR C 57 5.79 -26.59 -14.47
C TYR C 57 7.26 -26.98 -14.64
N PHE C 58 7.54 -28.27 -14.70
CA PHE C 58 8.90 -28.76 -14.71
C PHE C 58 9.20 -29.85 -15.73
N ILE C 59 10.40 -29.79 -16.30
CA ILE C 59 10.95 -30.80 -17.21
C ILE C 59 12.39 -31.09 -16.75
N GLU C 60 12.75 -32.36 -16.65
CA GLU C 60 14.12 -32.74 -16.39
C GLU C 60 14.52 -33.69 -17.49
N THR C 61 15.49 -33.29 -18.34
CA THR C 61 15.93 -34.09 -19.50
C THR C 61 17.34 -33.72 -19.98
N LYS C 62 17.97 -34.60 -20.74
CA LYS C 62 19.29 -34.32 -21.36
C LYS C 62 19.04 -33.97 -22.83
N LYS C 63 17.79 -33.94 -23.26
CA LYS C 63 17.47 -33.72 -24.70
C LYS C 63 17.35 -32.24 -25.05
N PHE C 64 18.23 -31.40 -24.50
CA PHE C 64 18.25 -29.97 -24.84
C PHE C 64 19.48 -29.78 -25.73
N LEU C 65 19.26 -29.29 -26.96
CA LEU C 65 20.36 -29.07 -27.88
C LEU C 65 21.31 -27.97 -27.37
N LEU C 66 20.76 -26.96 -26.65
CA LEU C 66 21.46 -25.82 -26.07
C LEU C 66 22.02 -24.82 -27.14
N ILE C 67 21.46 -24.89 -28.36
CA ILE C 67 21.77 -23.99 -29.46
C ILE C 67 20.45 -23.71 -30.16
N GLY C 68 20.10 -22.44 -30.30
CA GLY C 68 18.85 -22.07 -30.91
C GLY C 68 17.72 -21.88 -29.91
N LYS C 69 16.66 -21.21 -30.34
CA LYS C 69 15.53 -20.94 -29.48
C LYS C 69 14.48 -22.05 -29.50
N SER C 70 13.81 -22.21 -28.36
CA SER C 70 12.73 -23.15 -28.13
C SER C 70 11.43 -22.35 -27.99
N ASN C 71 10.31 -22.95 -28.36
CA ASN C 71 9.01 -22.30 -28.23
C ASN C 71 8.31 -22.94 -27.03
N ILE C 72 8.02 -22.15 -26.00
CA ILE C 72 7.30 -22.67 -24.84
C ILE C 72 5.87 -22.15 -24.91
N CYS C 73 4.91 -23.06 -24.96
CA CYS C 73 3.51 -22.69 -25.11
C CYS C 73 2.62 -23.18 -23.99
N VAL C 74 1.63 -22.35 -23.63
CA VAL C 74 0.61 -22.64 -22.64
C VAL C 74 -0.56 -23.20 -23.44
N LYS C 75 -1.07 -24.38 -23.09
CA LYS C 75 -2.17 -25.00 -23.83
C LYS C 75 -3.38 -25.41 -22.99
N VAL C 76 -4.55 -25.43 -23.64
CA VAL C 76 -5.80 -25.92 -23.07
C VAL C 76 -6.16 -27.08 -24.00
N GLY C 77 -5.65 -28.27 -23.68
CA GLY C 77 -5.84 -29.42 -24.54
C GLY C 77 -4.91 -29.31 -25.73
N GLU C 78 -5.46 -29.02 -26.90
CA GLU C 78 -4.65 -28.83 -28.11
C GLU C 78 -4.52 -27.34 -28.53
N LYS C 79 -5.41 -26.48 -28.02
CA LYS C 79 -5.40 -25.05 -28.31
C LYS C 79 -4.25 -24.36 -27.58
N SER C 80 -3.46 -23.57 -28.31
CA SER C 80 -2.36 -22.82 -27.71
C SER C 80 -2.90 -21.44 -27.29
N LEU C 81 -2.65 -21.03 -26.05
CA LEU C 81 -3.12 -19.74 -25.56
C LEU C 81 -2.09 -18.67 -25.82
N THR C 82 -0.81 -18.96 -25.49
CA THR C 82 0.30 -18.03 -25.69
C THR C 82 1.61 -18.80 -25.85
N CYS C 83 2.52 -18.27 -26.69
CA CYS C 83 3.82 -18.88 -26.93
C CYS C 83 4.94 -17.89 -26.75
N LYS C 84 6.14 -18.38 -26.42
CA LYS C 84 7.29 -17.52 -26.21
C LYS C 84 8.54 -18.21 -26.74
N LYS C 85 9.36 -17.50 -27.52
CA LYS C 85 10.61 -18.05 -28.01
C LYS C 85 11.70 -17.74 -26.98
N ILE C 86 12.28 -18.78 -26.39
CA ILE C 86 13.29 -18.64 -25.36
C ILE C 86 14.55 -19.43 -25.71
N ASP C 87 15.72 -18.83 -25.49
CA ASP C 87 16.98 -19.52 -25.65
C ASP C 87 17.32 -20.04 -24.24
N LEU C 88 17.36 -21.37 -24.04
CA LEU C 88 17.63 -21.98 -22.73
C LEU C 88 19.00 -21.64 -22.12
N THR C 89 19.96 -21.19 -22.93
CA THR C 89 21.30 -20.79 -22.47
C THR C 89 21.35 -19.32 -21.96
N THR C 90 20.23 -18.60 -22.06
CA THR C 90 20.14 -17.21 -21.59
C THR C 90 19.24 -17.07 -20.34
N ILE C 91 18.69 -18.19 -19.81
CA ILE C 91 17.81 -18.18 -18.63
C ILE C 91 18.35 -19.09 -17.51
N VAL C 92 19.65 -19.35 -17.50
CA VAL C 92 20.29 -20.24 -16.54
C VAL C 92 20.32 -19.71 -15.10
N LYS C 93 19.86 -20.54 -14.14
CA LYS C 93 19.93 -20.17 -12.74
C LYS C 93 20.95 -21.14 -12.11
N PRO C 94 22.14 -20.67 -11.71
CA PRO C 94 23.12 -21.61 -11.12
C PRO C 94 22.61 -22.22 -9.82
N GLU C 95 23.22 -23.33 -9.42
CA GLU C 95 22.98 -23.90 -8.11
C GLU C 95 23.71 -22.99 -7.11
N ALA C 96 23.19 -22.91 -5.88
CA ALA C 96 23.76 -22.04 -4.87
C ALA C 96 25.16 -22.51 -4.42
N PRO C 97 26.06 -21.57 -4.07
CA PRO C 97 27.33 -22.00 -3.46
C PRO C 97 27.07 -22.59 -2.07
N PHE C 98 28.03 -23.35 -1.55
CA PHE C 98 27.90 -24.02 -0.25
C PHE C 98 29.29 -24.05 0.45
N ASP C 99 29.36 -24.59 1.68
CA ASP C 99 30.61 -24.72 2.45
C ASP C 99 31.26 -23.34 2.64
N LEU C 100 30.44 -22.28 2.81
CA LEU C 100 30.97 -20.94 3.07
C LEU C 100 31.76 -20.94 4.39
N SER C 101 32.94 -20.33 4.41
CA SER C 101 33.80 -20.33 5.59
C SER C 101 34.56 -19.01 5.69
N VAL C 102 34.81 -18.55 6.91
CA VAL C 102 35.58 -17.33 7.16
C VAL C 102 36.64 -17.66 8.20
N VAL C 103 37.84 -17.20 7.95
CA VAL C 103 38.98 -17.42 8.84
C VAL C 103 39.61 -16.02 9.06
N TYR C 104 40.05 -15.71 10.28
CA TYR C 104 40.76 -14.47 10.55
C TYR C 104 42.27 -14.80 10.73
N ARG C 105 43.16 -14.11 9.99
CA ARG C 105 44.59 -14.36 10.14
C ARG C 105 45.22 -13.19 10.85
N GLU C 106 45.83 -13.42 12.04
CA GLU C 106 46.48 -12.39 12.84
C GLU C 106 47.72 -11.79 12.15
N GLY C 107 48.49 -12.64 11.46
CA GLY C 107 49.70 -12.19 10.79
C GLY C 107 49.43 -11.20 9.67
N ALA C 108 48.39 -11.46 8.88
CA ALA C 108 48.03 -10.61 7.76
C ALA C 108 46.95 -9.57 8.08
N ASN C 109 46.29 -9.65 9.25
CA ASN C 109 45.19 -8.76 9.67
C ASN C 109 44.10 -8.74 8.60
N ASP C 110 43.63 -9.93 8.23
CA ASP C 110 42.62 -10.06 7.18
C ASP C 110 41.68 -11.24 7.43
N PHE C 111 40.57 -11.27 6.72
CA PHE C 111 39.60 -12.34 6.77
C PHE C 111 39.65 -13.02 5.43
N VAL C 112 39.78 -14.35 5.41
CA VAL C 112 39.81 -15.08 4.16
C VAL C 112 38.44 -15.79 4.06
N VAL C 113 37.65 -15.41 3.05
CA VAL C 113 36.32 -15.96 2.82
C VAL C 113 36.42 -16.96 1.70
N THR C 114 36.02 -18.21 1.94
CA THR C 114 36.08 -19.25 0.92
C THR C 114 34.74 -19.96 0.81
N PHE C 115 34.49 -20.61 -0.33
CA PHE C 115 33.22 -21.30 -0.56
C PHE C 115 33.39 -22.27 -1.70
N ASN C 116 32.39 -23.13 -1.88
CA ASN C 116 32.43 -24.08 -2.98
C ASN C 116 31.21 -23.94 -3.88
N THR C 117 31.34 -24.41 -5.12
CA THR C 117 30.27 -24.44 -6.10
C THR C 117 30.37 -25.73 -6.89
N SER C 118 29.25 -26.41 -7.11
CA SER C 118 29.26 -27.61 -7.93
C SER C 118 29.56 -27.27 -9.43
N HIS C 119 29.49 -25.98 -9.82
CA HIS C 119 29.74 -25.53 -11.19
C HIS C 119 31.17 -25.72 -11.67
N LEU C 120 32.13 -25.86 -10.74
CA LEU C 120 33.53 -26.13 -11.07
C LEU C 120 33.75 -27.49 -11.70
N GLN C 121 32.83 -28.45 -11.46
CA GLN C 121 32.93 -29.78 -12.05
C GLN C 121 32.00 -29.98 -13.24
N LYS C 122 31.33 -28.92 -13.70
CA LYS C 122 30.43 -28.98 -14.84
C LYS C 122 31.17 -28.78 -16.17
N LYS C 123 30.49 -29.07 -17.25
CA LYS C 123 31.03 -28.93 -18.59
C LYS C 123 30.54 -27.64 -19.21
N TYR C 124 29.27 -27.26 -18.99
CA TYR C 124 28.69 -26.09 -19.62
C TYR C 124 28.82 -24.81 -18.78
N VAL C 125 28.01 -24.65 -17.73
CA VAL C 125 28.00 -23.45 -16.92
C VAL C 125 29.09 -23.54 -15.86
N LYS C 126 30.32 -23.45 -16.30
CA LYS C 126 31.49 -23.54 -15.44
C LYS C 126 31.90 -22.15 -14.91
N VAL C 127 31.67 -21.06 -15.70
CA VAL C 127 32.12 -19.73 -15.37
C VAL C 127 31.03 -18.85 -14.79
N LEU C 128 31.17 -18.51 -13.51
CA LEU C 128 30.21 -17.68 -12.80
C LEU C 128 30.82 -16.40 -12.27
N MET C 129 29.96 -15.46 -11.93
CA MET C 129 30.35 -14.30 -11.14
C MET C 129 29.65 -14.54 -9.79
N HIS C 130 30.41 -14.43 -8.70
CA HIS C 130 29.84 -14.58 -7.37
C HIS C 130 29.57 -13.23 -6.75
N ASP C 131 28.70 -13.21 -5.76
CA ASP C 131 28.33 -12.00 -5.03
C ASP C 131 28.39 -12.37 -3.57
N VAL C 132 29.39 -11.86 -2.84
CA VAL C 132 29.52 -12.10 -1.42
C VAL C 132 28.90 -10.90 -0.70
N ALA C 133 27.86 -11.12 0.10
CA ALA C 133 27.19 -10.02 0.81
C ALA C 133 27.44 -10.21 2.33
N TYR C 134 27.73 -9.12 3.03
CA TYR C 134 27.97 -9.19 4.47
C TYR C 134 27.37 -7.98 5.17
N ARG C 135 27.05 -8.13 6.42
CA ARG C 135 26.51 -7.03 7.20
C ARG C 135 26.79 -7.26 8.67
N GLN C 136 26.75 -6.17 9.46
CA GLN C 136 26.80 -6.28 10.90
C GLN C 136 25.42 -6.82 11.29
N GLU C 137 25.40 -7.97 11.98
CA GLU C 137 24.20 -8.69 12.39
C GLU C 137 23.06 -7.75 12.92
N LYS C 138 23.41 -6.68 13.69
CA LYS C 138 22.47 -5.68 14.22
C LYS C 138 21.71 -4.83 13.16
N ASP C 139 22.24 -4.77 11.93
CA ASP C 139 21.69 -3.94 10.86
C ASP C 139 20.65 -4.62 9.99
N GLU C 140 19.75 -3.79 9.45
CA GLU C 140 18.72 -4.18 8.51
C GLU C 140 18.91 -3.29 7.25
N ASN C 141 18.93 -3.88 6.06
CA ASN C 141 19.12 -3.12 4.79
C ASN C 141 20.49 -2.40 4.77
N LYS C 142 21.55 -3.05 5.22
CA LYS C 142 22.89 -2.47 5.22
C LYS C 142 23.92 -3.51 4.82
N TRP C 143 23.60 -4.27 3.78
CA TRP C 143 24.49 -5.28 3.23
C TRP C 143 25.53 -4.61 2.34
N THR C 144 26.76 -5.11 2.38
CA THR C 144 27.83 -4.68 1.48
C THR C 144 28.01 -5.87 0.53
N HIS C 145 27.99 -5.63 -0.78
CA HIS C 145 28.14 -6.67 -1.80
C HIS C 145 29.48 -6.56 -2.52
N VAL C 146 30.16 -7.67 -2.69
CA VAL C 146 31.45 -7.73 -3.38
C VAL C 146 31.39 -8.83 -4.45
N ASN C 147 31.76 -8.51 -5.68
CA ASN C 147 31.79 -9.50 -6.76
C ASN C 147 33.17 -10.11 -6.91
N LEU C 148 33.22 -11.37 -7.31
CA LEU C 148 34.46 -12.03 -7.62
C LEU C 148 34.22 -13.20 -8.59
N SER C 149 35.25 -13.61 -9.31
CA SER C 149 35.21 -14.73 -10.25
C SER C 149 35.77 -16.04 -9.65
N SER C 150 36.54 -15.96 -8.56
CA SER C 150 37.11 -17.13 -7.91
C SER C 150 36.28 -17.51 -6.66
N THR C 151 36.73 -18.47 -5.86
CA THR C 151 36.01 -18.90 -4.66
C THR C 151 36.72 -18.47 -3.37
N LYS C 152 37.58 -17.44 -3.47
CA LYS C 152 38.33 -16.91 -2.36
C LYS C 152 38.33 -15.37 -2.40
N LEU C 153 37.85 -14.72 -1.34
CA LEU C 153 37.80 -13.27 -1.18
C LEU C 153 38.58 -12.92 0.10
N THR C 154 39.46 -11.92 0.05
CA THR C 154 40.16 -11.45 1.23
C THR C 154 39.56 -10.08 1.64
N LEU C 155 39.09 -9.94 2.88
CA LEU C 155 38.57 -8.69 3.44
C LEU C 155 39.59 -8.20 4.46
N LEU C 156 39.96 -6.94 4.41
CA LEU C 156 40.92 -6.37 5.36
C LEU C 156 40.25 -6.09 6.69
N GLN C 157 40.97 -6.36 7.80
CA GLN C 157 40.45 -6.16 9.15
C GLN C 157 39.97 -4.72 9.37
N ARG C 158 40.74 -3.72 8.86
CA ARG C 158 40.40 -2.31 8.99
C ARG C 158 39.14 -1.87 8.23
N LYS C 159 38.63 -2.68 7.31
CA LYS C 159 37.43 -2.32 6.55
C LYS C 159 36.11 -2.76 7.19
N LEU C 160 36.20 -3.44 8.35
CA LEU C 160 35.05 -3.94 9.10
C LEU C 160 35.08 -3.33 10.49
N GLN C 161 33.93 -3.23 11.16
CA GLN C 161 33.89 -2.73 12.53
C GLN C 161 34.58 -3.69 13.49
N PRO C 162 35.34 -3.18 14.47
CA PRO C 162 35.97 -4.08 15.46
C PRO C 162 34.97 -4.62 16.50
N ALA C 163 35.28 -5.79 17.09
CA ALA C 163 34.49 -6.49 18.12
C ALA C 163 33.00 -6.59 17.77
N ALA C 164 32.71 -6.98 16.55
CA ALA C 164 31.34 -7.02 16.05
C ALA C 164 30.99 -8.35 15.39
N MET C 165 29.72 -8.74 15.50
CA MET C 165 29.14 -9.91 14.86
C MET C 165 28.74 -9.55 13.44
N TYR C 166 29.22 -10.37 12.49
CA TYR C 166 28.90 -10.20 11.10
C TYR C 166 28.20 -11.43 10.56
N GLU C 167 27.37 -11.25 9.56
CA GLU C 167 26.69 -12.29 8.83
C GLU C 167 27.19 -12.19 7.39
N ILE C 168 27.54 -13.31 6.76
CA ILE C 168 28.01 -13.30 5.39
C ILE C 168 27.36 -14.44 4.61
N LYS C 169 27.05 -14.20 3.34
CA LYS C 169 26.42 -15.21 2.47
C LYS C 169 26.88 -14.98 1.02
N VAL C 170 26.70 -15.97 0.14
CA VAL C 170 27.18 -15.87 -1.24
C VAL C 170 26.17 -16.46 -2.23
N ARG C 171 26.08 -15.87 -3.43
CA ARG C 171 25.25 -16.35 -4.53
C ARG C 171 26.04 -16.21 -5.86
N SER C 172 25.56 -16.83 -6.95
CA SER C 172 26.28 -16.85 -8.23
C SER C 172 25.35 -16.56 -9.41
N ILE C 173 25.89 -16.02 -10.48
CA ILE C 173 25.18 -15.72 -11.71
C ILE C 173 26.06 -16.18 -12.89
N PRO C 174 25.51 -16.71 -14.00
CA PRO C 174 26.37 -17.11 -15.13
C PRO C 174 27.06 -15.88 -15.74
N ASP C 175 28.35 -16.01 -16.09
CA ASP C 175 29.12 -14.86 -16.59
C ASP C 175 30.11 -15.25 -17.71
N HIS C 176 29.59 -15.73 -18.82
CA HIS C 176 30.47 -16.22 -19.89
C HIS C 176 29.59 -16.34 -21.14
N TYR C 177 29.53 -17.50 -21.79
CA TYR C 177 28.64 -17.69 -22.92
C TYR C 177 27.18 -17.71 -22.38
N PHE C 178 26.97 -18.38 -21.24
CA PHE C 178 25.67 -18.53 -20.59
C PHE C 178 25.32 -17.28 -19.83
N LYS C 179 24.06 -16.90 -19.88
CA LYS C 179 23.50 -15.77 -19.16
C LYS C 179 22.33 -16.29 -18.32
N GLY C 180 21.86 -15.49 -17.37
CA GLY C 180 20.71 -15.89 -16.57
C GLY C 180 20.46 -15.11 -15.31
N PHE C 181 20.13 -15.82 -14.25
CA PHE C 181 19.69 -15.25 -13.00
C PHE C 181 20.59 -15.61 -11.83
N TRP C 182 20.48 -14.84 -10.74
CA TRP C 182 21.20 -15.13 -9.51
C TRP C 182 20.67 -16.43 -8.91
N SER C 183 21.57 -17.25 -8.40
CA SER C 183 21.21 -18.47 -7.72
C SER C 183 20.54 -18.07 -6.38
N GLU C 184 20.05 -19.06 -5.63
CA GLU C 184 19.62 -18.82 -4.27
C GLU C 184 20.90 -18.47 -3.44
N TRP C 185 20.71 -17.82 -2.28
CA TRP C 185 21.84 -17.54 -1.42
C TRP C 185 22.26 -18.86 -0.76
N SER C 186 23.54 -18.97 -0.45
CA SER C 186 24.06 -20.04 0.37
C SER C 186 23.52 -19.81 1.81
N PRO C 187 23.56 -20.80 2.73
CA PRO C 187 23.29 -20.48 4.14
C PRO C 187 24.27 -19.39 4.65
N SER C 188 23.85 -18.63 5.64
CA SER C 188 24.66 -17.57 6.21
C SER C 188 25.70 -18.13 7.17
N TYR C 189 26.87 -17.55 7.17
CA TYR C 189 27.96 -17.85 8.08
C TYR C 189 28.07 -16.63 9.05
N TYR C 190 28.36 -16.85 10.30
CA TYR C 190 28.47 -15.83 11.34
C TYR C 190 29.86 -15.82 11.96
N PHE C 191 30.45 -14.64 12.13
CA PHE C 191 31.77 -14.51 12.72
C PHE C 191 31.87 -13.23 13.50
N ARG C 192 32.84 -13.16 14.42
N ARG C 192 32.83 -13.16 14.43
CA ARG C 192 33.06 -11.98 15.21
CA ARG C 192 33.05 -11.96 15.20
C ARG C 192 34.42 -11.40 14.86
C ARG C 192 34.42 -11.40 14.86
N THR C 193 34.50 -10.09 14.61
CA THR C 193 35.76 -9.45 14.28
C THR C 193 36.55 -9.25 15.57
N PRO C 194 37.90 -9.21 15.47
CA PRO C 194 38.71 -9.03 16.69
C PRO C 194 38.55 -7.66 17.33
N GLU C 195 38.86 -7.60 18.61
CA GLU C 195 38.88 -6.35 19.35
C GLU C 195 40.13 -5.57 18.84
N ILE C 196 40.04 -4.24 18.72
CA ILE C 196 41.19 -3.47 18.21
C ILE C 196 41.94 -2.76 19.35
N SER D 1 -16.52 32.93 -5.97
CA SER D 1 -15.71 31.90 -5.32
C SER D 1 -16.18 30.46 -5.59
N VAL D 2 -15.24 29.61 -6.07
CA VAL D 2 -15.47 28.20 -6.36
C VAL D 2 -15.76 27.42 -5.07
N ILE D 3 -15.07 27.75 -4.00
CA ILE D 3 -15.23 27.09 -2.71
C ILE D 3 -16.63 27.30 -2.15
N GLU D 4 -17.13 28.54 -2.21
CA GLU D 4 -18.48 28.84 -1.73
C GLU D 4 -19.55 28.17 -2.59
N LYS D 5 -19.30 28.06 -3.90
CA LYS D 5 -20.27 27.37 -4.79
C LYS D 5 -20.39 25.92 -4.35
N LEU D 6 -19.25 25.30 -4.06
CA LEU D 6 -19.24 23.87 -3.67
C LEU D 6 -19.92 23.62 -2.32
N ARG D 7 -19.84 24.57 -1.39
CA ARG D 7 -20.44 24.35 -0.05
C ARG D 7 -21.95 24.57 -0.18
N LYS D 8 -22.34 25.38 -1.16
CA LYS D 8 -23.76 25.61 -1.41
C LYS D 8 -24.37 24.36 -2.04
N LEU D 9 -23.64 23.74 -2.99
CA LEU D 9 -24.09 22.54 -3.69
C LEU D 9 -24.19 21.34 -2.76
N GLU D 10 -23.22 21.20 -1.83
CA GLU D 10 -23.23 20.11 -0.86
C GLU D 10 -24.49 20.17 0.01
N LYS D 11 -24.85 21.39 0.48
CA LYS D 11 -26.03 21.59 1.30
C LYS D 11 -27.30 21.28 0.51
N GLN D 12 -27.35 21.71 -0.76
CA GLN D 12 -28.52 21.47 -1.61
C GLN D 12 -28.70 19.98 -1.87
N ALA D 13 -27.59 19.25 -2.06
CA ALA D 13 -27.63 17.80 -2.30
C ALA D 13 -28.05 17.05 -1.03
N ARG D 14 -27.70 17.55 0.16
CA ARG D 14 -28.12 16.94 1.42
C ARG D 14 -29.63 17.06 1.55
N LYS D 15 -30.17 18.24 1.24
CA LYS D 15 -31.58 18.56 1.29
C LYS D 15 -32.39 17.73 0.28
N GLN D 16 -31.82 17.52 -0.90
CA GLN D 16 -32.45 16.71 -1.94
C GLN D 16 -32.26 15.19 -1.77
N GLY D 17 -31.45 14.77 -0.80
CA GLY D 17 -31.19 13.36 -0.54
C GLY D 17 -30.27 12.68 -1.53
N ASP D 18 -29.39 13.45 -2.19
CA ASP D 18 -28.46 12.88 -3.17
C ASP D 18 -27.08 12.67 -2.53
N GLU D 19 -26.87 11.49 -1.93
CA GLU D 19 -25.65 11.14 -1.23
C GLU D 19 -24.41 11.08 -2.13
N VAL D 20 -24.57 10.75 -3.44
CA VAL D 20 -23.45 10.71 -4.37
C VAL D 20 -22.94 12.12 -4.60
N LEU D 21 -23.86 13.08 -4.79
CA LEU D 21 -23.47 14.48 -5.00
C LEU D 21 -22.92 15.16 -3.74
N VAL D 22 -23.36 14.75 -2.54
CA VAL D 22 -22.82 15.26 -1.27
C VAL D 22 -21.35 14.83 -1.18
N MET D 23 -21.08 13.55 -1.48
CA MET D 23 -19.75 12.95 -1.48
C MET D 23 -18.87 13.64 -2.53
N LEU D 24 -19.39 13.86 -3.75
CA LEU D 24 -18.65 14.49 -4.82
C LEU D 24 -18.31 15.95 -4.55
N ALA D 25 -19.25 16.75 -4.02
CA ALA D 25 -18.96 18.15 -3.74
C ALA D 25 -17.90 18.25 -2.64
N ARG D 26 -17.96 17.36 -1.63
CA ARG D 26 -16.97 17.32 -0.55
C ARG D 26 -15.61 16.92 -1.07
N MET D 27 -15.56 15.92 -1.97
CA MET D 27 -14.32 15.44 -2.58
C MET D 27 -13.64 16.53 -3.39
N VAL D 28 -14.41 17.31 -4.18
CA VAL D 28 -13.87 18.41 -4.96
C VAL D 28 -13.35 19.53 -4.05
N LEU D 29 -14.08 19.87 -2.95
CA LEU D 29 -13.65 20.87 -1.97
C LEU D 29 -12.35 20.44 -1.32
N GLU D 30 -12.25 19.15 -0.98
CA GLU D 30 -11.08 18.60 -0.29
C GLU D 30 -9.85 18.60 -1.17
N TYR D 31 -10.00 18.17 -2.43
CA TYR D 31 -8.89 18.12 -3.38
C TYR D 31 -8.41 19.52 -3.75
N LEU D 32 -9.32 20.51 -3.81
CA LEU D 32 -8.98 21.90 -4.14
C LEU D 32 -8.24 22.58 -3.00
N GLU D 33 -8.63 22.28 -1.75
CA GLU D 33 -7.94 22.84 -0.59
C GLU D 33 -6.51 22.31 -0.49
N LYS D 34 -6.27 21.06 -0.93
CA LYS D 34 -4.95 20.45 -0.92
C LYS D 34 -4.07 20.80 -2.15
N GLY D 35 -4.65 21.47 -3.15
CA GLY D 35 -3.94 21.82 -4.37
C GLY D 35 -3.78 20.65 -5.33
N TRP D 36 -4.58 19.59 -5.13
CA TRP D 36 -4.55 18.38 -5.95
C TRP D 36 -5.23 18.60 -7.32
N VAL D 37 -6.21 19.53 -7.38
CA VAL D 37 -6.90 19.90 -8.60
C VAL D 37 -6.86 21.41 -8.80
N SER D 38 -7.01 21.87 -10.05
CA SER D 38 -7.01 23.29 -10.35
C SER D 38 -8.39 23.91 -10.06
N GLU D 39 -8.45 25.25 -9.93
CA GLU D 39 -9.72 25.93 -9.72
C GLU D 39 -10.64 25.74 -10.93
N GLU D 40 -10.06 25.69 -12.15
CA GLU D 40 -10.75 25.45 -13.41
C GLU D 40 -11.50 24.11 -13.38
N ASP D 41 -10.79 23.02 -13.01
CA ASP D 41 -11.39 21.69 -12.93
C ASP D 41 -12.43 21.58 -11.82
N ALA D 42 -12.19 22.26 -10.71
CA ALA D 42 -13.15 22.26 -9.61
C ALA D 42 -14.44 23.00 -10.01
N ASP D 43 -14.32 24.09 -10.80
CA ASP D 43 -15.46 24.87 -11.27
C ASP D 43 -16.30 24.11 -12.32
N GLU D 44 -15.65 23.35 -13.21
CA GLU D 44 -16.38 22.55 -14.22
C GLU D 44 -17.11 21.37 -13.56
N SER D 45 -16.52 20.80 -12.51
CA SER D 45 -17.05 19.72 -11.72
C SER D 45 -18.27 20.22 -10.92
N ALA D 46 -18.17 21.44 -10.34
CA ALA D 46 -19.28 22.07 -9.62
C ALA D 46 -20.44 22.35 -10.58
N ASP D 47 -20.15 22.76 -11.83
CA ASP D 47 -21.16 23.00 -12.85
C ASP D 47 -21.93 21.70 -13.20
N ARG D 48 -21.22 20.55 -13.21
CA ARG D 48 -21.82 19.24 -13.48
C ARG D 48 -22.71 18.81 -12.32
N ILE D 49 -22.27 19.02 -11.09
CA ILE D 49 -23.06 18.72 -9.89
C ILE D 49 -24.36 19.55 -9.89
N GLU D 50 -24.24 20.85 -10.14
CA GLU D 50 -25.36 21.78 -10.20
C GLU D 50 -26.37 21.37 -11.27
N GLU D 51 -25.91 20.92 -12.44
CA GLU D 51 -26.80 20.45 -13.49
C GLU D 51 -27.60 19.20 -13.08
N VAL D 52 -26.99 18.26 -12.34
CA VAL D 52 -27.68 17.06 -11.85
C VAL D 52 -28.70 17.44 -10.77
N LEU D 53 -28.37 18.42 -9.92
CA LEU D 53 -29.29 18.90 -8.88
C LEU D 53 -30.51 19.57 -9.48
N LYS D 54 -30.36 20.25 -10.63
CA LYS D 54 -31.45 20.93 -11.33
C LYS D 54 -32.51 19.93 -11.83
N LYS D 55 -32.10 18.67 -12.12
CA LYS D 55 -33.00 17.62 -12.61
C LYS D 55 -33.97 17.11 -11.54
N SER E 1 21.68 33.81 21.78
CA SER E 1 22.02 32.37 21.90
C SER E 1 20.99 31.56 22.71
N VAL E 2 20.47 30.44 22.14
CA VAL E 2 19.49 29.61 22.86
C VAL E 2 20.13 28.83 24.01
N ILE E 3 21.41 28.45 23.86
CA ILE E 3 22.16 27.77 24.93
C ILE E 3 22.21 28.66 26.18
N GLU E 4 22.56 29.94 26.02
CA GLU E 4 22.57 30.86 27.14
C GLU E 4 21.17 31.14 27.70
N LYS E 5 20.14 31.09 26.85
CA LYS E 5 18.78 31.29 27.29
C LYS E 5 18.35 30.15 28.21
N LEU E 6 18.64 28.90 27.80
CA LEU E 6 18.33 27.68 28.52
C LEU E 6 19.09 27.57 29.85
N ARG E 7 20.33 28.10 29.89
N ARG E 7 20.31 28.10 29.90
CA ARG E 7 21.15 28.12 31.09
CA ARG E 7 21.10 28.11 31.12
C ARG E 7 20.57 29.12 32.10
C ARG E 7 20.52 29.11 32.12
N LYS E 8 20.09 30.28 31.62
CA LYS E 8 19.52 31.33 32.44
C LYS E 8 18.20 30.87 33.03
N LEU E 9 17.36 30.17 32.24
CA LEU E 9 16.07 29.67 32.68
C LEU E 9 16.22 28.60 33.75
N GLU E 10 17.22 27.72 33.61
CA GLU E 10 17.50 26.67 34.59
C GLU E 10 17.81 27.30 35.97
N LYS E 11 18.65 28.34 35.99
CA LYS E 11 19.02 29.03 37.22
C LYS E 11 17.82 29.74 37.84
N GLN E 12 16.97 30.34 37.00
CA GLN E 12 15.77 31.04 37.47
C GLN E 12 14.78 30.04 38.07
N ALA E 13 14.65 28.86 37.47
CA ALA E 13 13.76 27.82 37.97
C ALA E 13 14.28 27.23 39.28
N ARG E 14 15.61 27.15 39.47
CA ARG E 14 16.19 26.65 40.72
C ARG E 14 15.85 27.64 41.85
N LYS E 15 15.99 28.95 41.57
CA LYS E 15 15.71 30.04 42.49
C LYS E 15 14.21 30.07 42.85
N GLN E 16 13.34 29.78 41.89
CA GLN E 16 11.90 29.77 42.13
C GLN E 16 11.39 28.44 42.70
N GLY E 17 12.24 27.43 42.84
CA GLY E 17 11.88 26.12 43.38
C GLY E 17 11.06 25.25 42.44
N ASP E 18 11.16 25.47 41.11
CA ASP E 18 10.41 24.68 40.15
C ASP E 18 11.29 23.56 39.56
N GLU E 19 11.28 22.39 40.21
CA GLU E 19 12.12 21.27 39.80
C GLU E 19 11.76 20.67 38.44
N VAL E 20 10.50 20.78 38.00
CA VAL E 20 10.09 20.30 36.68
C VAL E 20 10.75 21.17 35.60
N LEU E 21 10.76 22.50 35.80
CA LEU E 21 11.35 23.40 34.82
C LEU E 21 12.89 23.33 34.81
N VAL E 22 13.53 22.99 35.96
CA VAL E 22 14.98 22.80 36.04
C VAL E 22 15.34 21.58 35.15
N MET E 23 14.59 20.49 35.33
CA MET E 23 14.75 19.27 34.58
C MET E 23 14.51 19.52 33.07
N LEU E 24 13.44 20.26 32.73
CA LEU E 24 13.10 20.55 31.34
C LEU E 24 14.12 21.42 30.64
N ALA E 25 14.63 22.47 31.32
CA ALA E 25 15.63 23.35 30.72
C ALA E 25 16.93 22.59 30.46
N ARG E 26 17.31 21.67 31.37
CA ARG E 26 18.50 20.84 31.20
C ARG E 26 18.31 19.84 30.05
N MET E 27 17.12 19.21 29.95
CA MET E 27 16.79 18.24 28.92
C MET E 27 16.84 18.86 27.53
N VAL E 28 16.30 20.08 27.37
CA VAL E 28 16.29 20.79 26.10
C VAL E 28 17.70 21.14 25.68
N LEU E 29 18.51 21.66 26.62
CA LEU E 29 19.89 22.00 26.31
C LEU E 29 20.68 20.74 25.90
N GLU E 30 20.48 19.63 26.62
CA GLU E 30 21.16 18.36 26.34
C GLU E 30 20.81 17.79 24.95
N TYR E 31 19.52 17.79 24.61
CA TYR E 31 19.05 17.29 23.32
C TYR E 31 19.54 18.17 22.17
N LEU E 32 19.58 19.48 22.39
CA LEU E 32 20.04 20.41 21.38
C LEU E 32 21.54 20.24 21.12
N GLU E 33 22.38 20.05 22.18
CA GLU E 33 23.81 19.87 22.00
C GLU E 33 24.11 18.59 21.20
N LYS E 34 23.28 17.54 21.36
CA LYS E 34 23.40 16.27 20.65
C LYS E 34 22.82 16.28 19.22
N GLY E 35 22.12 17.35 18.83
CA GLY E 35 21.48 17.44 17.52
C GLY E 35 20.18 16.65 17.43
N TRP E 36 19.62 16.25 18.60
CA TRP E 36 18.40 15.47 18.67
C TRP E 36 17.15 16.32 18.37
N VAL E 37 17.22 17.62 18.66
CA VAL E 37 16.15 18.58 18.37
C VAL E 37 16.74 19.77 17.58
N SER E 38 15.89 20.49 16.84
CA SER E 38 16.32 21.67 16.08
C SER E 38 16.43 22.89 17.01
N GLU E 39 17.15 23.93 16.57
CA GLU E 39 17.27 25.18 17.32
C GLU E 39 15.91 25.83 17.48
N GLU E 40 15.06 25.75 16.42
CA GLU E 40 13.68 26.24 16.36
C GLU E 40 12.85 25.64 17.51
N ASP E 41 12.85 24.31 17.65
CA ASP E 41 12.09 23.62 18.69
C ASP E 41 12.64 23.89 20.08
N ALA E 42 13.95 24.03 20.21
CA ALA E 42 14.55 24.35 21.49
C ALA E 42 14.15 25.76 21.93
N ASP E 43 14.10 26.71 20.98
CA ASP E 43 13.73 28.09 21.26
C ASP E 43 12.24 28.25 21.66
N GLU E 44 11.33 27.50 21.00
CA GLU E 44 9.91 27.57 21.35
C GLU E 44 9.64 26.94 22.73
N SER E 45 10.40 25.88 23.07
CA SER E 45 10.34 25.19 24.33
C SER E 45 10.88 26.11 25.45
N ALA E 46 11.98 26.84 25.20
CA ALA E 46 12.53 27.82 26.14
C ALA E 46 11.51 28.95 26.38
N ASP E 47 10.81 29.38 25.33
CA ASP E 47 9.78 30.42 25.45
C ASP E 47 8.59 29.93 26.35
N ARG E 48 8.24 28.65 26.28
CA ARG E 48 7.20 28.05 27.11
C ARG E 48 7.66 27.97 28.57
N ILE E 49 8.90 27.59 28.80
CA ILE E 49 9.47 27.53 30.15
C ILE E 49 9.44 28.95 30.79
N GLU E 50 9.92 29.96 30.04
CA GLU E 50 9.98 31.34 30.45
C GLU E 50 8.57 31.88 30.78
N GLU E 51 7.56 31.51 29.99
CA GLU E 51 6.18 31.91 30.26
C GLU E 51 5.64 31.32 31.59
N VAL E 52 6.00 30.07 31.93
CA VAL E 52 5.60 29.45 33.20
C VAL E 52 6.31 30.13 34.38
N LEU E 53 7.58 30.49 34.18
CA LEU E 53 8.36 31.19 35.21
C LEU E 53 7.80 32.57 35.51
N LYS E 54 7.26 33.25 34.50
CA LYS E 54 6.66 34.59 34.63
C LYS E 54 5.43 34.57 35.54
N LYS E 55 4.70 33.43 35.61
CA LYS E 55 3.49 33.28 36.44
C LYS E 55 3.81 33.23 37.95
N SER F 1 31.24 -18.09 -44.35
CA SER F 1 31.05 -19.45 -43.86
C SER F 1 31.09 -19.53 -42.35
N VAL F 2 30.00 -20.02 -41.76
CA VAL F 2 29.91 -20.17 -40.32
C VAL F 2 30.86 -21.26 -39.81
N ILE F 3 31.10 -22.33 -40.60
CA ILE F 3 31.99 -23.41 -40.23
C ILE F 3 33.42 -22.90 -40.08
N GLU F 4 33.87 -22.08 -41.02
CA GLU F 4 35.23 -21.50 -40.95
C GLU F 4 35.36 -20.51 -39.80
N LYS F 5 34.27 -19.82 -39.46
CA LYS F 5 34.28 -18.88 -38.34
C LYS F 5 34.42 -19.67 -37.04
N LEU F 6 33.66 -20.77 -36.89
CA LEU F 6 33.71 -21.66 -35.73
C LEU F 6 35.08 -22.33 -35.56
N ARG F 7 35.75 -22.67 -36.67
CA ARG F 7 37.08 -23.29 -36.64
C ARG F 7 38.12 -22.28 -36.16
N LYS F 8 37.98 -21.01 -36.57
CA LYS F 8 38.87 -19.94 -36.16
C LYS F 8 38.70 -19.66 -34.67
N LEU F 9 37.44 -19.65 -34.19
CA LEU F 9 37.12 -19.39 -32.80
C LEU F 9 37.62 -20.50 -31.88
N GLU F 10 37.52 -21.77 -32.33
CA GLU F 10 38.00 -22.92 -31.56
C GLU F 10 39.51 -22.79 -31.30
N LYS F 11 40.26 -22.42 -32.35
CA LYS F 11 41.71 -22.24 -32.25
C LYS F 11 42.06 -21.07 -31.33
N GLN F 12 41.32 -19.98 -31.41
CA GLN F 12 41.56 -18.81 -30.57
C GLN F 12 41.28 -19.15 -29.09
N ALA F 13 40.23 -19.93 -28.82
CA ALA F 13 39.88 -20.34 -27.47
C ALA F 13 40.93 -21.31 -26.89
N ARG F 14 41.55 -22.16 -27.74
CA ARG F 14 42.60 -23.07 -27.30
C ARG F 14 43.81 -22.25 -26.86
N LYS F 15 44.17 -21.24 -27.64
CA LYS F 15 45.29 -20.34 -27.41
C LYS F 15 45.07 -19.52 -26.14
N GLN F 16 43.82 -19.09 -25.89
CA GLN F 16 43.48 -18.32 -24.70
C GLN F 16 43.21 -19.18 -23.45
N GLY F 17 43.22 -20.50 -23.58
CA GLY F 17 42.99 -21.42 -22.47
C GLY F 17 41.54 -21.51 -22.02
N ASP F 18 40.57 -21.22 -22.90
CA ASP F 18 39.16 -21.29 -22.54
C ASP F 18 38.54 -22.61 -23.02
N GLU F 19 38.60 -23.63 -22.17
CA GLU F 19 38.12 -24.98 -22.48
C GLU F 19 36.60 -25.05 -22.72
N VAL F 20 35.80 -24.17 -22.08
CA VAL F 20 34.36 -24.16 -22.28
C VAL F 20 34.05 -23.70 -23.71
N LEU F 21 34.77 -22.67 -24.19
CA LEU F 21 34.55 -22.16 -25.54
C LEU F 21 35.08 -23.10 -26.62
N VAL F 22 36.14 -23.88 -26.33
CA VAL F 22 36.68 -24.88 -27.27
C VAL F 22 35.60 -25.96 -27.46
N MET F 23 35.02 -26.43 -26.35
CA MET F 23 33.97 -27.43 -26.31
C MET F 23 32.73 -26.90 -27.06
N LEU F 24 32.33 -25.64 -26.80
CA LEU F 24 31.16 -25.03 -27.43
C LEU F 24 31.31 -24.85 -28.93
N ALA F 25 32.48 -24.38 -29.41
CA ALA F 25 32.68 -24.21 -30.85
C ALA F 25 32.61 -25.58 -31.55
N ARG F 26 33.23 -26.61 -30.94
CA ARG F 26 33.22 -27.96 -31.49
C ARG F 26 31.81 -28.54 -31.52
N MET F 27 31.03 -28.31 -30.47
CA MET F 27 29.63 -28.76 -30.37
C MET F 27 28.78 -28.13 -31.47
N VAL F 28 28.94 -26.82 -31.72
CA VAL F 28 28.20 -26.11 -32.76
C VAL F 28 28.58 -26.66 -34.13
N LEU F 29 29.89 -26.91 -34.35
CA LEU F 29 30.36 -27.47 -35.62
C LEU F 29 29.80 -28.87 -35.85
N GLU F 30 29.76 -29.67 -34.80
CA GLU F 30 29.28 -31.05 -34.86
C GLU F 30 27.78 -31.12 -35.16
N TYR F 31 26.98 -30.26 -34.55
CA TYR F 31 25.52 -30.34 -34.74
C TYR F 31 25.17 -29.83 -36.13
N LEU F 32 26.09 -29.05 -36.71
CA LEU F 32 25.84 -28.42 -38.02
C LEU F 32 26.12 -29.46 -39.12
N GLU F 33 27.03 -30.38 -38.85
CA GLU F 33 27.40 -31.44 -39.82
C GLU F 33 26.38 -32.58 -39.76
N LYS F 34 25.38 -32.47 -38.89
CA LYS F 34 24.32 -33.50 -38.76
C LYS F 34 23.00 -32.81 -39.09
N GLY F 35 23.06 -31.53 -39.44
CA GLY F 35 21.84 -30.76 -39.74
C GLY F 35 20.89 -30.70 -38.55
N TRP F 36 21.44 -30.66 -37.34
CA TRP F 36 20.59 -30.58 -36.12
C TRP F 36 20.29 -29.10 -35.89
N VAL F 37 21.23 -28.23 -36.26
CA VAL F 37 21.00 -26.80 -36.10
C VAL F 37 21.13 -26.08 -37.46
N SER F 38 20.49 -24.91 -37.56
CA SER F 38 20.53 -24.11 -38.77
C SER F 38 21.83 -23.27 -38.80
N GLU F 39 22.21 -22.77 -40.00
CA GLU F 39 23.37 -21.89 -40.14
C GLU F 39 23.16 -20.61 -39.31
N GLU F 40 21.91 -20.08 -39.29
CA GLU F 40 21.47 -18.90 -38.55
C GLU F 40 21.80 -19.06 -37.05
N ASP F 41 21.38 -20.18 -36.43
CA ASP F 41 21.63 -20.44 -35.01
C ASP F 41 23.10 -20.67 -34.71
N ALA F 42 23.81 -21.33 -35.62
CA ALA F 42 25.24 -21.55 -35.47
C ALA F 42 26.01 -20.21 -35.54
N ASP F 43 25.57 -19.28 -36.42
CA ASP F 43 26.21 -17.98 -36.58
C ASP F 43 25.98 -17.07 -35.34
N GLU F 44 24.78 -17.11 -34.73
CA GLU F 44 24.52 -16.31 -33.54
C GLU F 44 25.31 -16.83 -32.33
N SER F 45 25.47 -18.15 -32.26
CA SER F 45 26.24 -18.84 -31.23
C SER F 45 27.74 -18.50 -31.39
N ALA F 46 28.25 -18.49 -32.63
CA ALA F 46 29.63 -18.09 -32.95
C ALA F 46 29.87 -16.62 -32.55
N ASP F 47 28.89 -15.75 -32.78
CA ASP F 47 28.99 -14.34 -32.39
C ASP F 47 29.11 -14.18 -30.86
N ARG F 48 28.41 -15.04 -30.09
CA ARG F 48 28.46 -15.03 -28.63
C ARG F 48 29.82 -15.54 -28.15
N ILE F 49 30.35 -16.57 -28.79
CA ILE F 49 31.67 -17.12 -28.44
C ILE F 49 32.75 -16.05 -28.67
N GLU F 50 32.72 -15.39 -29.85
CA GLU F 50 33.64 -14.33 -30.24
C GLU F 50 33.60 -13.16 -29.26
N GLU F 51 32.40 -12.79 -28.78
CA GLU F 51 32.27 -11.72 -27.80
C GLU F 51 32.93 -12.08 -26.46
N VAL F 52 32.82 -13.34 -26.00
CA VAL F 52 33.46 -13.79 -24.76
C VAL F 52 34.98 -13.83 -24.92
N LEU F 53 35.47 -14.21 -26.11
CA LEU F 53 36.90 -14.24 -26.40
C LEU F 53 37.51 -12.83 -26.38
N LYS F 54 36.74 -11.82 -26.82
CA LYS F 54 37.17 -10.43 -26.85
C LYS F 54 37.44 -9.88 -25.43
N LYS F 55 36.74 -10.42 -24.40
CA LYS F 55 36.89 -9.99 -23.00
C LYS F 55 38.24 -10.43 -22.39
C1 PGE G . -16.19 2.57 -25.98
O1 PGE G . -16.98 1.55 -26.59
C2 PGE G . -14.80 2.59 -26.53
O2 PGE G . -14.17 1.33 -26.35
C3 PGE G . -12.76 1.37 -26.54
C4 PGE G . -12.12 0.13 -26.01
O4 PGE G . -14.07 -3.65 -26.40
C6 PGE G . -12.78 -3.37 -26.94
C5 PGE G . -12.11 -2.22 -26.24
O3 PGE G . -12.65 -0.99 -26.69
C1 EDO H . -48.99 -6.12 -29.51
O1 EDO H . -48.13 -6.04 -30.64
C2 EDO H . -50.40 -5.51 -29.80
O2 EDO H . -51.42 -6.45 -29.45
C1 PEG I . -10.23 13.76 23.11
O1 PEG I . -10.17 14.45 24.37
C2 PEG I . -8.95 13.05 22.76
O2 PEG I . -9.15 12.08 21.74
C3 PEG I . -9.89 10.93 22.16
C4 PEG I . -9.16 9.66 21.87
O4 PEG I . -9.93 8.53 22.30
C1 EDO J . 30.27 -19.69 12.53
O1 EDO J . 29.75 -19.17 13.74
C2 EDO J . 29.22 -20.48 11.71
O2 EDO J . 28.20 -19.67 11.16
C1 PEG K . 13.27 -15.89 -12.82
O1 PEG K . 13.54 -15.77 -11.43
C2 PEG K . 12.86 -17.27 -13.20
O2 PEG K . 11.58 -17.57 -12.67
C3 PEG K . 10.99 -18.74 -13.23
C4 PEG K . 9.74 -19.14 -12.47
O4 PEG K . 9.95 -20.23 -11.59
C1 EDO L . 17.38 18.15 14.39
O1 EDO L . 17.36 16.73 14.30
C2 EDO L . 16.26 18.72 13.49
O2 EDO L . 14.97 18.25 13.90
#